data_3I5U
#
_entry.id   3I5U
#
_cell.length_a   109.083
_cell.length_b   109.083
_cell.length_c   206.884
_cell.angle_alpha   90.00
_cell.angle_beta   90.00
_cell.angle_gamma   120.00
#
_symmetry.space_group_name_H-M   'P 65'
#
loop_
_entity.id
_entity.type
_entity.pdbx_description
1 polymer O-methyltransferase
2 non-polymer S-ADENOSYLMETHIONINE
3 non-polymer '2-hydroxy-5-methyl naphthoic acid'
4 non-polymer GLYCEROL
5 water water
#
_entity_poly.entity_id   1
_entity_poly.type   'polypeptide(L)'
_entity_poly.pdbx_seq_one_letter_code
;MGKRAAHIGLRALADLATPMAVRVAATLRVADHIAAGHRTAAEIASAAGAHADSLDRLLRHLVAVGLFTRDGQGVYGLTE
FGEQLRDDHAAGKRKWLDMNSAVGRGDLGFVELAHSIRTGQPAYPVRYGTSFWEDLGSDPVLSASFDTLMSHHLELDYTG
IAAKYDWAALGHVVDVGGGSGGLLSALLTAHEDLSGTVLDLQGPASAAHRRFLDTGLSGRAQVVVGSFFDPLPAGAGGYV
LSAVLHDWDDLSAVAILRRCAEAAGSGGVVLVIEAVAGDEHAGTGMDLRMLTYFGGKERSLAELGELAAQAGLAVRAAHP
ISYVSIVEMTAL
;
_entity_poly.pdbx_strand_id   A,B
#
# COMPACT_ATOMS: atom_id res chain seq x y z
N ALA A 5 9.47 -0.98 14.63
CA ALA A 5 9.00 -2.18 13.88
C ALA A 5 10.14 -3.16 13.62
N ALA A 6 10.93 -3.48 14.64
CA ALA A 6 12.02 -4.47 14.49
C ALA A 6 12.98 -4.23 13.32
N HIS A 7 13.45 -5.32 12.71
CA HIS A 7 14.29 -5.26 11.51
C HIS A 7 13.89 -6.23 10.38
N ILE A 8 12.81 -5.95 9.69
CA ILE A 8 12.31 -6.80 8.60
C ILE A 8 13.12 -6.97 7.29
N GLY A 9 13.74 -5.88 6.84
CA GLY A 9 14.31 -5.71 5.52
C GLY A 9 13.53 -4.56 4.92
N LEU A 10 14.23 -3.54 4.44
CA LEU A 10 13.55 -2.38 3.86
C LEU A 10 12.46 -2.76 2.87
N ARG A 11 12.74 -3.76 2.03
CA ARG A 11 11.76 -4.18 1.03
C ARG A 11 10.47 -4.73 1.65
N ALA A 12 10.60 -5.53 2.70
CA ALA A 12 9.43 -6.09 3.37
C ALA A 12 8.72 -4.99 4.15
N LEU A 13 9.48 -4.03 4.65
CA LEU A 13 8.88 -2.93 5.40
C LEU A 13 8.06 -2.07 4.46
N ALA A 14 8.35 -2.13 3.17
CA ALA A 14 7.65 -1.32 2.20
C ALA A 14 6.70 -2.15 1.35
N ASP A 15 6.37 -3.35 1.84
CA ASP A 15 5.48 -4.25 1.12
C ASP A 15 4.05 -3.75 1.00
N LEU A 16 3.48 -3.86 -0.19
CA LEU A 16 2.11 -3.44 -0.42
C LEU A 16 1.25 -4.66 -0.66
N ALA A 17 1.86 -5.75 -1.09
CA ALA A 17 1.12 -6.98 -1.38
C ALA A 17 0.25 -7.45 -0.21
N THR A 18 0.80 -7.45 1.00
CA THR A 18 0.07 -7.90 2.16
C THR A 18 -1.08 -7.00 2.61
N PRO A 19 -0.81 -5.71 2.87
CA PRO A 19 -1.96 -4.89 3.28
C PRO A 19 -3.04 -4.87 2.21
N MET A 20 -2.66 -4.85 0.94
CA MET A 20 -3.64 -4.85 -0.13
C MET A 20 -4.41 -6.18 -0.14
N ALA A 21 -3.71 -7.28 0.13
CA ALA A 21 -4.35 -8.58 0.18
C ALA A 21 -5.39 -8.58 1.29
N VAL A 22 -5.05 -7.99 2.44
CA VAL A 22 -6.00 -7.93 3.54
C VAL A 22 -7.20 -7.09 3.12
N ARG A 23 -6.94 -5.92 2.54
CA ARG A 23 -8.02 -5.06 2.10
C ARG A 23 -8.95 -5.76 1.11
N VAL A 24 -8.38 -6.51 0.17
CA VAL A 24 -9.20 -7.23 -0.82
C VAL A 24 -10.00 -8.34 -0.12
N ALA A 25 -9.37 -9.01 0.85
CA ALA A 25 -10.06 -10.06 1.59
C ALA A 25 -11.27 -9.43 2.26
N ALA A 26 -11.02 -8.34 2.98
CA ALA A 26 -12.08 -7.62 3.67
C ALA A 26 -13.20 -7.30 2.69
N THR A 27 -12.85 -6.76 1.54
CA THR A 27 -13.84 -6.38 0.54
C THR A 27 -14.62 -7.58 0.01
N LEU A 28 -13.97 -8.73 -0.14
CA LEU A 28 -14.64 -9.93 -0.65
C LEU A 28 -15.36 -10.71 0.45
N ARG A 29 -15.18 -10.28 1.69
CA ARG A 29 -15.84 -10.93 2.82
C ARG A 29 -15.49 -12.43 2.95
N VAL A 30 -14.32 -12.79 2.43
CA VAL A 30 -13.82 -14.17 2.46
C VAL A 30 -14.03 -14.87 3.81
N ALA A 31 -13.76 -14.15 4.90
CA ALA A 31 -13.91 -14.73 6.23
C ALA A 31 -15.36 -15.13 6.48
N ASP A 32 -16.29 -14.25 6.11
CA ASP A 32 -17.71 -14.53 6.32
C ASP A 32 -18.17 -15.69 5.46
N HIS A 33 -17.58 -15.84 4.27
CA HIS A 33 -17.95 -16.94 3.40
C HIS A 33 -17.46 -18.24 4.01
N ILE A 34 -16.26 -18.20 4.58
CA ILE A 34 -15.67 -19.38 5.23
C ILE A 34 -16.56 -19.83 6.39
N ALA A 35 -17.00 -18.90 7.23
CA ALA A 35 -17.86 -19.23 8.36
C ALA A 35 -19.20 -19.78 7.86
N ALA A 36 -19.69 -19.26 6.75
CA ALA A 36 -20.96 -19.74 6.21
C ALA A 36 -20.82 -21.11 5.54
N GLY A 37 -19.67 -21.76 5.73
CA GLY A 37 -19.48 -23.07 5.16
C GLY A 37 -18.72 -23.24 3.85
N HIS A 38 -18.36 -22.14 3.18
CA HIS A 38 -17.60 -22.24 1.92
C HIS A 38 -16.15 -22.26 2.30
N ARG A 39 -15.47 -23.38 2.05
CA ARG A 39 -14.06 -23.49 2.44
C ARG A 39 -13.00 -23.69 1.37
N THR A 40 -13.39 -24.18 0.20
CA THR A 40 -12.43 -24.36 -0.89
C THR A 40 -12.36 -23.07 -1.69
N ALA A 41 -11.26 -22.88 -2.41
CA ALA A 41 -11.09 -21.68 -3.22
C ALA A 41 -12.23 -21.55 -4.23
N ALA A 42 -12.63 -22.66 -4.83
CA ALA A 42 -13.69 -22.63 -5.81
C ALA A 42 -15.00 -22.12 -5.20
N GLU A 43 -15.35 -22.63 -4.03
CA GLU A 43 -16.58 -22.21 -3.37
C GLU A 43 -16.52 -20.72 -3.00
N ILE A 44 -15.50 -20.35 -2.21
CA ILE A 44 -15.32 -18.96 -1.78
C ILE A 44 -15.41 -18.00 -2.96
N ALA A 45 -14.66 -18.31 -4.02
CA ALA A 45 -14.64 -17.47 -5.21
C ALA A 45 -16.02 -17.32 -5.82
N SER A 46 -16.78 -18.40 -5.82
CA SER A 46 -18.12 -18.38 -6.39
C SER A 46 -19.01 -17.48 -5.55
N ALA A 47 -18.89 -17.65 -4.24
CA ALA A 47 -19.66 -16.86 -3.28
C ALA A 47 -19.31 -15.37 -3.33
N ALA A 48 -18.04 -15.06 -3.62
CA ALA A 48 -17.61 -13.66 -3.67
C ALA A 48 -17.56 -13.09 -5.07
N GLY A 49 -17.66 -13.93 -6.08
CA GLY A 49 -17.61 -13.45 -7.45
C GLY A 49 -16.20 -13.10 -7.88
N ALA A 50 -15.24 -13.91 -7.46
CA ALA A 50 -13.84 -13.69 -7.78
C ALA A 50 -13.27 -14.82 -8.65
N HIS A 51 -12.12 -14.57 -9.26
CA HIS A 51 -11.45 -15.56 -10.10
C HIS A 51 -10.84 -16.62 -9.17
N ALA A 52 -11.26 -17.87 -9.34
CA ALA A 52 -10.82 -18.99 -8.50
C ALA A 52 -9.31 -19.13 -8.25
N ASP A 53 -8.53 -19.28 -9.32
CA ASP A 53 -7.08 -19.43 -9.18
C ASP A 53 -6.47 -18.22 -8.49
N SER A 54 -6.89 -17.03 -8.90
CA SER A 54 -6.38 -15.81 -8.31
C SER A 54 -6.76 -15.69 -6.83
N LEU A 55 -8.01 -16.02 -6.50
CA LEU A 55 -8.44 -15.96 -5.11
C LEU A 55 -7.64 -16.94 -4.27
N ASP A 56 -7.45 -18.14 -4.81
CA ASP A 56 -6.69 -19.17 -4.11
C ASP A 56 -5.29 -18.65 -3.81
N ARG A 57 -4.69 -17.96 -4.78
CA ARG A 57 -3.35 -17.41 -4.60
C ARG A 57 -3.35 -16.34 -3.53
N LEU A 58 -4.43 -15.58 -3.45
CA LEU A 58 -4.56 -14.53 -2.43
C LEU A 58 -4.65 -15.19 -1.04
N LEU A 59 -5.46 -16.24 -0.95
CA LEU A 59 -5.64 -16.96 0.31
C LEU A 59 -4.34 -17.61 0.80
N ARG A 60 -3.61 -18.23 -0.12
CA ARG A 60 -2.33 -18.86 0.22
C ARG A 60 -1.39 -17.83 0.83
N HIS A 61 -1.47 -16.59 0.36
CA HIS A 61 -0.62 -15.51 0.89
C HIS A 61 -1.10 -15.10 2.27
N LEU A 62 -2.41 -15.03 2.46
CA LEU A 62 -2.97 -14.64 3.75
C LEU A 62 -2.81 -15.77 4.77
N VAL A 63 -2.69 -17.01 4.29
CA VAL A 63 -2.47 -18.13 5.18
C VAL A 63 -1.08 -17.85 5.76
N ALA A 64 -0.15 -17.54 4.87
CA ALA A 64 1.22 -17.24 5.27
C ALA A 64 1.28 -16.05 6.22
N VAL A 65 0.50 -15.01 5.92
CA VAL A 65 0.46 -13.81 6.75
C VAL A 65 -0.04 -14.16 8.14
N GLY A 66 -0.85 -15.22 8.22
CA GLY A 66 -1.38 -15.66 9.51
C GLY A 66 -2.85 -15.36 9.79
N LEU A 67 -3.67 -15.26 8.74
CA LEU A 67 -5.08 -14.97 8.96
C LEU A 67 -5.91 -16.20 8.63
N PHE A 68 -5.41 -17.05 7.75
CA PHE A 68 -6.14 -18.26 7.37
C PHE A 68 -5.42 -19.58 7.61
N THR A 69 -6.20 -20.66 7.54
CA THR A 69 -5.73 -22.02 7.72
C THR A 69 -6.03 -22.78 6.43
N ARG A 70 -5.21 -23.78 6.11
CA ARG A 70 -5.44 -24.56 4.89
C ARG A 70 -4.96 -25.99 5.07
N ASP A 71 -5.87 -26.95 4.87
CA ASP A 71 -5.52 -28.36 5.02
C ASP A 71 -5.19 -28.98 3.67
N GLY A 72 -4.59 -30.17 3.71
CA GLY A 72 -4.21 -30.86 2.48
C GLY A 72 -5.29 -30.99 1.43
N GLN A 73 -6.55 -30.88 1.84
CA GLN A 73 -7.65 -31.01 0.89
C GLN A 73 -7.99 -29.70 0.20
N GLY A 74 -7.40 -28.61 0.70
CA GLY A 74 -7.67 -27.31 0.13
C GLY A 74 -8.80 -26.61 0.87
N VAL A 75 -9.04 -27.05 2.11
CA VAL A 75 -10.08 -26.46 2.93
C VAL A 75 -9.49 -25.35 3.79
N TYR A 76 -10.02 -24.15 3.64
CA TYR A 76 -9.54 -23.00 4.39
C TYR A 76 -10.37 -22.72 5.63
N GLY A 77 -9.69 -22.26 6.68
CA GLY A 77 -10.36 -21.92 7.91
C GLY A 77 -9.77 -20.61 8.40
N LEU A 78 -10.35 -20.06 9.47
CA LEU A 78 -9.86 -18.81 10.01
C LEU A 78 -8.97 -19.11 11.21
N THR A 79 -8.19 -18.13 11.64
CA THR A 79 -7.32 -18.31 12.80
C THR A 79 -7.81 -17.31 13.85
N GLU A 80 -7.27 -17.36 15.06
CA GLU A 80 -7.71 -16.42 16.09
C GLU A 80 -7.68 -15.03 15.48
N PHE A 81 -6.61 -14.79 14.72
CA PHE A 81 -6.40 -13.51 14.06
C PHE A 81 -7.42 -13.27 12.94
N GLY A 82 -7.50 -14.21 12.00
CA GLY A 82 -8.42 -14.07 10.89
C GLY A 82 -9.89 -13.92 11.25
N GLU A 83 -10.19 -14.07 12.53
CA GLU A 83 -11.57 -13.94 13.00
C GLU A 83 -12.00 -12.48 12.90
N GLN A 84 -11.05 -11.57 13.12
CA GLN A 84 -11.32 -10.14 13.06
C GLN A 84 -11.77 -9.67 11.67
N LEU A 85 -11.79 -10.56 10.70
CA LEU A 85 -12.20 -10.20 9.35
C LEU A 85 -13.68 -10.42 9.13
N ARG A 86 -14.29 -11.22 10.00
CA ARG A 86 -15.72 -11.50 9.91
C ARG A 86 -16.48 -10.20 10.11
N ASP A 87 -17.49 -9.97 9.29
CA ASP A 87 -18.25 -8.74 9.40
C ASP A 87 -19.00 -8.61 10.72
N ASP A 88 -19.22 -9.73 11.41
CA ASP A 88 -19.93 -9.71 12.69
C ASP A 88 -18.98 -9.67 13.87
N HIS A 89 -17.68 -9.69 13.60
CA HIS A 89 -16.70 -9.65 14.68
C HIS A 89 -16.93 -8.42 15.57
N ALA A 90 -16.67 -8.56 16.86
CA ALA A 90 -16.87 -7.50 17.84
C ALA A 90 -16.19 -6.16 17.59
N ALA A 91 -14.95 -6.20 17.11
CA ALA A 91 -14.20 -4.98 16.87
C ALA A 91 -14.60 -4.21 15.61
N GLY A 92 -15.45 -4.83 14.80
CA GLY A 92 -15.95 -4.23 13.57
C GLY A 92 -14.91 -3.53 12.71
N LYS A 93 -13.80 -4.21 12.45
CA LYS A 93 -12.73 -3.64 11.66
C LYS A 93 -12.88 -3.87 10.16
N ARG A 94 -13.58 -4.94 9.79
CA ARG A 94 -13.78 -5.26 8.38
C ARG A 94 -14.28 -4.09 7.54
N LYS A 95 -15.29 -3.36 8.03
CA LYS A 95 -15.83 -2.26 7.26
C LYS A 95 -14.83 -1.14 6.98
N TRP A 96 -13.86 -0.97 7.87
CA TRP A 96 -12.86 0.06 7.66
C TRP A 96 -11.90 -0.26 6.49
N LEU A 97 -11.68 -1.55 6.23
CA LEU A 97 -10.78 -1.98 5.17
C LEU A 97 -11.50 -2.27 3.85
N ASP A 98 -12.82 -2.33 3.90
CA ASP A 98 -13.61 -2.61 2.72
C ASP A 98 -13.39 -1.51 1.67
N MET A 99 -12.87 -1.89 0.51
CA MET A 99 -12.62 -0.90 -0.54
C MET A 99 -13.86 -0.15 -0.98
N ASN A 100 -15.03 -0.53 -0.46
CA ASN A 100 -16.26 0.17 -0.82
C ASN A 100 -16.62 1.25 0.21
N SER A 101 -16.13 1.12 1.44
CA SER A 101 -16.43 2.13 2.44
C SER A 101 -15.63 3.40 2.15
N ALA A 102 -16.07 4.52 2.71
CA ALA A 102 -15.39 5.78 2.49
C ALA A 102 -13.91 5.72 2.87
N VAL A 103 -13.59 5.14 4.03
CA VAL A 103 -12.20 5.06 4.47
C VAL A 103 -11.41 3.94 3.80
N GLY A 104 -12.09 2.87 3.38
CA GLY A 104 -11.39 1.79 2.72
C GLY A 104 -10.97 2.28 1.34
N ARG A 105 -11.74 3.23 0.84
CA ARG A 105 -11.51 3.84 -0.45
C ARG A 105 -10.48 4.96 -0.28
N GLY A 106 -10.69 5.82 0.70
CA GLY A 106 -9.78 6.92 0.94
C GLY A 106 -8.33 6.51 1.18
N ASP A 107 -8.12 5.42 1.92
CA ASP A 107 -6.78 4.95 2.22
C ASP A 107 -5.95 4.57 0.98
N LEU A 108 -6.62 4.18 -0.11
CA LEU A 108 -5.90 3.84 -1.32
C LEU A 108 -5.24 5.12 -1.88
N GLY A 109 -5.69 6.26 -1.37
CA GLY A 109 -5.11 7.52 -1.80
C GLY A 109 -3.65 7.61 -1.35
N PHE A 110 -3.25 6.76 -0.41
CA PHE A 110 -1.87 6.76 0.09
C PHE A 110 -0.90 6.43 -1.04
N VAL A 111 -1.39 5.81 -2.11
CA VAL A 111 -0.51 5.46 -3.21
C VAL A 111 -0.02 6.74 -3.89
N GLU A 112 -0.57 7.87 -3.49
CA GLU A 112 -0.18 9.15 -4.05
C GLU A 112 0.48 10.04 -2.99
N LEU A 113 0.96 9.43 -1.91
CA LEU A 113 1.61 10.16 -0.82
C LEU A 113 2.70 11.12 -1.33
N ALA A 114 3.46 10.68 -2.32
CA ALA A 114 4.54 11.49 -2.86
C ALA A 114 4.05 12.88 -3.16
N HIS A 115 2.90 12.98 -3.82
CA HIS A 115 2.38 14.30 -4.16
C HIS A 115 2.15 15.12 -2.91
N SER A 116 1.64 14.50 -1.85
CA SER A 116 1.40 15.21 -0.61
C SER A 116 2.68 15.72 0.03
N ILE A 117 3.67 14.85 0.14
CA ILE A 117 4.94 15.22 0.74
C ILE A 117 5.67 16.27 -0.06
N ARG A 118 5.39 16.30 -1.35
CA ARG A 118 6.02 17.22 -2.28
C ARG A 118 5.38 18.60 -2.25
N THR A 119 4.05 18.63 -2.23
CA THR A 119 3.31 19.90 -2.29
C THR A 119 2.58 20.34 -1.03
N GLY A 120 2.33 19.40 -0.12
CA GLY A 120 1.60 19.75 1.08
C GLY A 120 0.10 19.69 0.82
N GLN A 121 -0.28 19.32 -0.40
CA GLN A 121 -1.68 19.21 -0.77
C GLN A 121 -2.18 17.79 -0.58
N PRO A 122 -3.48 17.61 -0.45
CA PRO A 122 -4.04 16.27 -0.26
C PRO A 122 -3.79 15.36 -1.46
N ALA A 123 -3.64 14.08 -1.19
CA ALA A 123 -3.40 13.07 -2.22
C ALA A 123 -4.69 12.50 -2.80
N TYR A 124 -5.73 12.44 -1.98
CA TYR A 124 -7.00 11.89 -2.40
C TYR A 124 -7.47 12.42 -3.76
N PRO A 125 -7.39 13.74 -3.98
CA PRO A 125 -7.85 14.28 -5.27
C PRO A 125 -7.02 13.74 -6.43
N VAL A 126 -5.73 13.55 -6.20
CA VAL A 126 -4.87 13.05 -7.27
C VAL A 126 -5.37 11.71 -7.73
N ARG A 127 -5.85 10.90 -6.80
CA ARG A 127 -6.35 9.59 -7.18
C ARG A 127 -7.78 9.56 -7.71
N TYR A 128 -8.70 10.24 -7.02
CA TYR A 128 -10.11 10.22 -7.40
C TYR A 128 -10.66 11.40 -8.19
N GLY A 129 -9.80 12.38 -8.49
CA GLY A 129 -10.22 13.53 -9.27
C GLY A 129 -11.18 14.51 -8.62
N THR A 130 -11.26 14.49 -7.30
CA THR A 130 -12.16 15.40 -6.59
C THR A 130 -11.86 15.32 -5.11
N SER A 131 -12.29 16.32 -4.33
CA SER A 131 -12.02 16.29 -2.92
C SER A 131 -12.84 15.21 -2.24
N PHE A 132 -12.47 14.87 -1.01
CA PHE A 132 -13.15 13.84 -0.25
C PHE A 132 -14.62 14.22 0.01
N TRP A 133 -14.83 15.42 0.55
CA TRP A 133 -16.17 15.87 0.86
C TRP A 133 -17.02 16.01 -0.39
N GLU A 134 -16.40 16.42 -1.49
CA GLU A 134 -17.14 16.56 -2.72
C GLU A 134 -17.58 15.18 -3.17
N ASP A 135 -16.68 14.22 -3.01
CA ASP A 135 -16.96 12.84 -3.40
C ASP A 135 -18.13 12.26 -2.61
N LEU A 136 -18.16 12.54 -1.31
CA LEU A 136 -19.24 12.04 -0.46
C LEU A 136 -20.52 12.81 -0.76
N GLY A 137 -20.39 14.12 -0.90
CA GLY A 137 -21.55 14.96 -1.18
C GLY A 137 -22.34 14.60 -2.43
N SER A 138 -21.75 13.82 -3.33
CA SER A 138 -22.46 13.44 -4.55
C SER A 138 -22.73 11.93 -4.65
N ASP A 139 -22.39 11.20 -3.59
CA ASP A 139 -22.61 9.75 -3.54
C ASP A 139 -23.16 9.44 -2.15
N PRO A 140 -24.49 9.51 -1.97
CA PRO A 140 -25.16 9.26 -0.70
C PRO A 140 -24.76 7.94 -0.03
N VAL A 141 -24.61 6.90 -0.83
CA VAL A 141 -24.24 5.59 -0.31
C VAL A 141 -22.85 5.67 0.33
N LEU A 142 -21.90 6.22 -0.42
CA LEU A 142 -20.54 6.37 0.04
C LEU A 142 -20.56 7.20 1.33
N SER A 143 -21.34 8.29 1.31
CA SER A 143 -21.45 9.19 2.44
C SER A 143 -22.05 8.51 3.67
N ALA A 144 -22.99 7.59 3.43
CA ALA A 144 -23.61 6.86 4.52
C ALA A 144 -22.58 5.97 5.18
N SER A 145 -21.77 5.27 4.38
CA SER A 145 -20.76 4.40 4.96
C SER A 145 -19.81 5.23 5.83
N PHE A 146 -19.45 6.43 5.37
CA PHE A 146 -18.58 7.26 6.17
C PHE A 146 -19.23 7.59 7.51
N ASP A 147 -20.52 7.89 7.50
CA ASP A 147 -21.23 8.23 8.74
C ASP A 147 -21.21 7.08 9.72
N THR A 148 -21.44 5.88 9.20
CA THR A 148 -21.45 4.69 10.02
C THR A 148 -20.08 4.51 10.65
N LEU A 149 -19.06 4.80 9.85
CA LEU A 149 -17.67 4.68 10.29
C LEU A 149 -17.36 5.65 11.42
N MET A 150 -17.70 6.93 11.23
CA MET A 150 -17.42 7.91 12.27
C MET A 150 -18.24 7.55 13.51
N SER A 151 -19.40 6.94 13.30
CA SER A 151 -20.25 6.53 14.40
C SER A 151 -19.51 5.46 15.20
N HIS A 152 -18.90 4.51 14.51
CA HIS A 152 -18.15 3.44 15.16
C HIS A 152 -16.92 3.99 15.91
N HIS A 153 -16.27 5.00 15.32
CA HIS A 153 -15.10 5.59 15.94
C HIS A 153 -15.43 6.18 17.31
N LEU A 154 -16.70 6.52 17.51
CA LEU A 154 -17.18 7.09 18.78
C LEU A 154 -17.23 6.05 19.91
N GLU A 155 -17.72 4.87 19.58
CA GLU A 155 -17.83 3.78 20.55
C GLU A 155 -16.41 3.40 20.94
N LEU A 156 -15.54 3.38 19.94
CA LEU A 156 -14.14 3.02 20.11
C LEU A 156 -13.31 4.00 20.94
N ASP A 157 -13.40 5.29 20.64
CA ASP A 157 -12.60 6.29 21.34
C ASP A 157 -13.27 7.17 22.38
N TYR A 158 -14.60 7.24 22.37
CA TYR A 158 -15.30 8.13 23.32
C TYR A 158 -16.16 7.49 24.35
N THR A 159 -15.89 6.24 24.69
CA THR A 159 -16.70 5.52 25.70
C THR A 159 -16.75 6.29 27.02
N GLY A 160 -17.98 6.65 27.41
CA GLY A 160 -18.22 7.37 28.66
C GLY A 160 -17.83 8.84 28.68
N ILE A 161 -17.74 9.47 27.52
CA ILE A 161 -17.37 10.87 27.45
C ILE A 161 -18.42 11.75 28.11
N ALA A 162 -19.61 11.17 28.30
CA ALA A 162 -20.73 11.88 28.91
C ALA A 162 -20.44 12.31 30.34
N ALA A 163 -19.80 11.42 31.10
CA ALA A 163 -19.47 11.72 32.49
C ALA A 163 -18.14 12.44 32.67
N LYS A 164 -17.22 12.25 31.72
CA LYS A 164 -15.90 12.86 31.82
C LYS A 164 -15.92 14.38 31.70
N TYR A 165 -17.11 14.96 31.62
CA TYR A 165 -17.25 16.40 31.49
C TYR A 165 -18.67 16.83 31.90
N ASP A 166 -18.81 18.07 32.33
CA ASP A 166 -20.10 18.60 32.77
C ASP A 166 -20.93 19.18 31.64
N TRP A 167 -21.54 18.30 30.88
CA TRP A 167 -22.37 18.68 29.74
C TRP A 167 -23.65 19.37 30.17
N ALA A 168 -24.37 18.75 31.08
CA ALA A 168 -25.63 19.29 31.58
C ALA A 168 -25.57 20.79 31.85
N ALA A 169 -24.43 21.27 32.34
CA ALA A 169 -24.27 22.68 32.65
C ALA A 169 -24.40 23.58 31.43
N LEU A 170 -24.09 23.05 30.26
CA LEU A 170 -24.17 23.82 29.03
C LEU A 170 -25.58 24.24 28.64
N GLY A 171 -26.56 23.36 28.92
CA GLY A 171 -27.94 23.64 28.59
C GLY A 171 -28.29 23.25 27.17
N HIS A 172 -27.59 23.86 26.22
CA HIS A 172 -27.79 23.58 24.80
C HIS A 172 -26.44 23.43 24.11
N VAL A 173 -26.22 22.29 23.48
CA VAL A 173 -24.97 22.04 22.77
C VAL A 173 -25.15 21.97 21.26
N VAL A 174 -24.33 22.71 20.54
CA VAL A 174 -24.36 22.68 19.08
C VAL A 174 -23.18 21.82 18.64
N ASP A 175 -23.45 20.71 17.96
CA ASP A 175 -22.37 19.85 17.49
C ASP A 175 -22.03 20.24 16.05
N VAL A 176 -21.03 21.10 15.91
CA VAL A 176 -20.57 21.59 14.62
C VAL A 176 -19.85 20.46 13.89
N GLY A 177 -20.41 20.01 12.78
CA GLY A 177 -19.83 18.91 12.03
C GLY A 177 -20.16 17.63 12.78
N GLY A 178 -21.31 17.64 13.45
CA GLY A 178 -21.76 16.51 14.26
C GLY A 178 -22.14 15.19 13.60
N GLY A 179 -21.88 15.05 12.30
CA GLY A 179 -22.20 13.81 11.62
C GLY A 179 -23.63 13.32 11.79
N SER A 180 -23.83 12.01 11.88
CA SER A 180 -25.17 11.46 12.02
C SER A 180 -25.73 11.54 13.44
N GLY A 181 -25.17 12.42 14.26
CA GLY A 181 -25.67 12.61 15.61
C GLY A 181 -25.36 11.59 16.69
N GLY A 182 -24.44 10.67 16.41
CA GLY A 182 -24.08 9.68 17.40
C GLY A 182 -23.60 10.28 18.71
N LEU A 183 -22.78 11.32 18.65
CA LEU A 183 -22.27 11.92 19.87
C LEU A 183 -23.35 12.68 20.62
N LEU A 184 -24.06 13.55 19.92
CA LEU A 184 -25.12 14.34 20.54
C LEU A 184 -26.12 13.40 21.20
N SER A 185 -26.48 12.35 20.48
CA SER A 185 -27.42 11.37 21.00
C SER A 185 -26.91 10.85 22.34
N ALA A 186 -25.62 10.53 22.39
CA ALA A 186 -25.00 10.01 23.61
C ALA A 186 -25.06 11.04 24.74
N LEU A 187 -24.74 12.28 24.43
CA LEU A 187 -24.75 13.33 25.43
C LEU A 187 -26.15 13.52 26.00
N LEU A 188 -27.15 13.58 25.11
CA LEU A 188 -28.53 13.79 25.53
C LEU A 188 -29.11 12.58 26.27
N THR A 189 -28.70 11.37 25.90
CA THR A 189 -29.23 10.21 26.60
C THR A 189 -28.73 10.18 28.04
N ALA A 190 -27.54 10.72 28.28
CA ALA A 190 -26.97 10.72 29.62
C ALA A 190 -27.37 11.94 30.45
N HIS A 191 -27.86 12.98 29.77
CA HIS A 191 -28.28 14.21 30.46
C HIS A 191 -29.66 14.62 29.97
N GLU A 192 -30.69 14.10 30.64
CA GLU A 192 -32.09 14.33 30.27
C GLU A 192 -32.65 15.73 30.18
N ASP A 193 -31.96 16.74 30.69
CA ASP A 193 -32.49 18.10 30.60
C ASP A 193 -31.66 18.92 29.64
N LEU A 194 -30.78 18.22 28.94
CA LEU A 194 -29.90 18.85 27.99
C LEU A 194 -30.54 18.79 26.60
N SER A 195 -30.26 19.80 25.79
CA SER A 195 -30.77 19.81 24.43
C SER A 195 -29.62 20.23 23.52
N GLY A 196 -29.70 19.85 22.26
CA GLY A 196 -28.64 20.21 21.33
C GLY A 196 -29.08 20.18 19.89
N THR A 197 -28.14 20.48 19.00
CA THR A 197 -28.42 20.46 17.58
C THR A 197 -27.18 20.08 16.78
N VAL A 198 -27.36 19.20 15.80
CA VAL A 198 -26.29 18.77 14.93
C VAL A 198 -26.26 19.69 13.72
N LEU A 199 -25.11 20.28 13.44
CA LEU A 199 -24.95 21.15 12.28
C LEU A 199 -23.96 20.43 11.36
N ASP A 200 -24.40 20.03 10.17
CA ASP A 200 -23.53 19.32 9.24
C ASP A 200 -24.09 19.48 7.83
N LEU A 201 -23.52 18.75 6.89
CA LEU A 201 -24.01 18.81 5.52
C LEU A 201 -25.26 17.94 5.39
N GLN A 202 -25.97 18.10 4.27
CA GLN A 202 -27.21 17.35 4.01
C GLN A 202 -27.18 15.88 4.41
N GLY A 203 -26.19 15.15 3.90
CA GLY A 203 -26.08 13.73 4.19
C GLY A 203 -26.14 13.38 5.66
N PRO A 204 -25.10 13.73 6.42
CA PRO A 204 -25.08 13.41 7.85
C PRO A 204 -26.26 14.01 8.62
N ALA A 205 -26.64 15.24 8.26
CA ALA A 205 -27.76 15.90 8.93
C ALA A 205 -29.04 15.09 8.81
N SER A 206 -29.36 14.65 7.61
CA SER A 206 -30.57 13.87 7.42
C SER A 206 -30.45 12.60 8.23
N ALA A 207 -29.26 12.01 8.26
CA ALA A 207 -29.04 10.77 9.02
C ALA A 207 -29.23 11.06 10.52
N ALA A 208 -28.71 12.19 10.98
CA ALA A 208 -28.85 12.58 12.38
C ALA A 208 -30.33 12.68 12.70
N HIS A 209 -31.06 13.33 11.80
CA HIS A 209 -32.50 13.51 11.95
C HIS A 209 -33.23 12.17 12.05
N ARG A 210 -32.93 11.25 11.14
CA ARG A 210 -33.58 9.94 11.16
C ARG A 210 -33.36 9.27 12.50
N ARG A 211 -32.14 9.40 13.01
CA ARG A 211 -31.77 8.80 14.28
C ARG A 211 -32.55 9.40 15.45
N PHE A 212 -32.57 10.73 15.55
CA PHE A 212 -33.29 11.39 16.64
C PHE A 212 -34.78 11.05 16.59
N LEU A 213 -35.34 11.04 15.39
CA LEU A 213 -36.75 10.74 15.20
C LEU A 213 -37.08 9.34 15.71
N ASP A 214 -36.28 8.39 15.26
CA ASP A 214 -36.43 6.97 15.59
C ASP A 214 -36.09 6.61 17.03
N THR A 215 -35.31 7.46 17.66
CA THR A 215 -34.85 7.25 19.02
C THR A 215 -35.68 7.96 20.07
N GLY A 216 -36.57 8.84 19.63
CA GLY A 216 -37.40 9.56 20.57
C GLY A 216 -36.63 10.69 21.22
N LEU A 217 -35.78 11.35 20.44
CA LEU A 217 -34.97 12.48 20.94
C LEU A 217 -35.27 13.77 20.19
N SER A 218 -36.17 13.69 19.22
CA SER A 218 -36.55 14.86 18.42
C SER A 218 -37.07 15.96 19.33
N GLY A 219 -37.50 15.59 20.53
CA GLY A 219 -37.99 16.58 21.46
C GLY A 219 -36.85 17.45 21.98
N ARG A 220 -35.64 16.91 22.00
CA ARG A 220 -34.50 17.65 22.50
C ARG A 220 -33.37 17.85 21.49
N ALA A 221 -33.41 17.08 20.41
CA ALA A 221 -32.37 17.16 19.39
C ALA A 221 -32.89 17.60 18.03
N GLN A 222 -32.22 18.58 17.44
CA GLN A 222 -32.60 19.08 16.14
C GLN A 222 -31.36 19.15 15.25
N VAL A 223 -31.56 19.18 13.93
CA VAL A 223 -30.44 19.25 13.01
C VAL A 223 -30.57 20.51 12.17
N VAL A 224 -29.46 20.94 11.58
CA VAL A 224 -29.45 22.11 10.72
C VAL A 224 -28.47 21.81 9.60
N VAL A 225 -28.91 21.95 8.36
CA VAL A 225 -28.05 21.69 7.22
C VAL A 225 -27.32 22.98 6.91
N GLY A 226 -25.99 22.97 7.01
CA GLY A 226 -25.22 24.16 6.73
C GLY A 226 -23.73 23.87 6.73
N SER A 227 -22.94 24.87 6.36
CA SER A 227 -21.50 24.74 6.32
C SER A 227 -20.94 25.45 7.54
N PHE A 228 -20.05 24.81 8.30
CA PHE A 228 -19.51 25.47 9.47
C PHE A 228 -18.53 26.60 9.10
N PHE A 229 -18.49 26.95 7.83
CA PHE A 229 -17.64 28.05 7.37
C PHE A 229 -18.53 29.29 7.32
N ASP A 230 -19.83 29.06 7.45
CA ASP A 230 -20.81 30.15 7.46
C ASP A 230 -21.29 30.29 8.90
N PRO A 231 -22.06 31.35 9.18
CA PRO A 231 -22.57 31.57 10.54
C PRO A 231 -23.27 30.35 11.12
N LEU A 232 -23.06 30.12 12.40
CA LEU A 232 -23.64 28.99 13.11
C LEU A 232 -24.81 29.43 13.98
N PRO A 233 -25.68 28.49 14.35
CA PRO A 233 -26.80 28.87 15.21
C PRO A 233 -26.12 29.48 16.45
N ALA A 234 -26.43 30.72 16.78
CA ALA A 234 -25.78 31.38 17.91
C ALA A 234 -26.45 31.25 19.28
N GLY A 235 -25.69 31.60 20.30
CA GLY A 235 -26.19 31.57 21.68
C GLY A 235 -26.24 30.28 22.47
N ALA A 236 -25.75 29.18 21.91
CA ALA A 236 -25.79 27.92 22.66
C ALA A 236 -24.77 27.91 23.81
N GLY A 237 -24.98 27.01 24.76
CA GLY A 237 -24.06 26.93 25.88
C GLY A 237 -22.67 26.52 25.41
N GLY A 238 -22.64 25.50 24.56
CA GLY A 238 -21.37 25.03 24.04
C GLY A 238 -21.40 24.53 22.62
N TYR A 239 -20.28 24.71 21.93
CA TYR A 239 -20.10 24.26 20.56
C TYR A 239 -19.02 23.20 20.51
N VAL A 240 -19.39 22.01 20.03
CA VAL A 240 -18.47 20.89 19.95
C VAL A 240 -17.90 20.64 18.54
N LEU A 241 -16.60 20.40 18.48
CA LEU A 241 -15.90 20.10 17.24
C LEU A 241 -15.22 18.74 17.46
N SER A 242 -15.96 17.68 17.16
CA SER A 242 -15.49 16.30 17.32
C SER A 242 -14.91 15.74 16.03
N ALA A 243 -13.60 15.48 16.04
CA ALA A 243 -12.89 14.95 14.87
C ALA A 243 -13.12 15.82 13.65
N VAL A 244 -13.04 17.13 13.82
CA VAL A 244 -13.24 18.04 12.70
C VAL A 244 -12.09 18.97 12.30
N LEU A 245 -11.33 19.41 13.29
CA LEU A 245 -10.23 20.33 13.04
C LEU A 245 -9.08 19.62 12.35
N HIS A 246 -8.78 18.39 12.77
CA HIS A 246 -7.67 17.69 12.12
C HIS A 246 -7.96 17.32 10.67
N ASP A 247 -9.17 17.61 10.19
CA ASP A 247 -9.53 17.32 8.81
C ASP A 247 -9.21 18.52 7.94
N TRP A 248 -8.76 19.60 8.57
CA TRP A 248 -8.47 20.83 7.85
C TRP A 248 -7.09 21.44 8.09
N ASP A 249 -6.60 22.19 7.10
CA ASP A 249 -5.30 22.85 7.25
C ASP A 249 -5.47 24.02 8.21
N ASP A 250 -4.36 24.61 8.65
CA ASP A 250 -4.41 25.73 9.58
C ASP A 250 -5.40 26.83 9.21
N LEU A 251 -5.35 27.30 7.97
CA LEU A 251 -6.23 28.37 7.53
C LEU A 251 -7.73 28.09 7.69
N SER A 252 -8.15 26.89 7.29
CA SER A 252 -9.56 26.50 7.39
C SER A 252 -9.93 26.20 8.82
N ALA A 253 -8.96 25.72 9.59
CA ALA A 253 -9.22 25.39 10.98
C ALA A 253 -9.57 26.62 11.81
N VAL A 254 -8.88 27.74 11.57
CA VAL A 254 -9.17 28.96 12.30
C VAL A 254 -10.51 29.52 11.84
N ALA A 255 -10.77 29.41 10.55
CA ALA A 255 -12.03 29.89 10.00
C ALA A 255 -13.17 29.24 10.78
N ILE A 256 -13.08 27.92 10.94
CA ILE A 256 -14.07 27.14 11.67
C ILE A 256 -14.15 27.58 13.14
N LEU A 257 -13.00 27.63 13.82
CA LEU A 257 -12.98 28.04 15.22
C LEU A 257 -13.55 29.44 15.38
N ARG A 258 -13.25 30.29 14.41
CA ARG A 258 -13.72 31.66 14.40
C ARG A 258 -15.26 31.67 14.44
N ARG A 259 -15.88 30.86 13.58
CA ARG A 259 -17.34 30.79 13.55
C ARG A 259 -17.92 30.31 14.87
N CYS A 260 -17.19 29.43 15.56
CA CYS A 260 -17.66 28.93 16.83
C CYS A 260 -17.47 30.01 17.90
N ALA A 261 -16.41 30.81 17.76
CA ALA A 261 -16.14 31.88 18.71
C ALA A 261 -17.33 32.84 18.74
N GLU A 262 -17.70 33.30 17.55
CA GLU A 262 -18.82 34.22 17.37
C GLU A 262 -20.14 33.63 17.89
N ALA A 263 -20.46 32.41 17.47
CA ALA A 263 -21.68 31.80 17.93
C ALA A 263 -21.72 31.70 19.46
N ALA A 264 -20.57 31.40 20.07
CA ALA A 264 -20.49 31.24 21.53
C ALA A 264 -20.40 32.54 22.30
N GLY A 265 -19.99 33.61 21.64
CA GLY A 265 -19.88 34.88 22.33
C GLY A 265 -19.03 34.84 23.59
N SER A 266 -19.39 35.69 24.55
CA SER A 266 -18.66 35.77 25.81
C SER A 266 -19.15 34.77 26.85
N GLY A 267 -20.27 34.12 26.58
CA GLY A 267 -20.77 33.16 27.56
C GLY A 267 -20.77 31.72 27.09
N GLY A 268 -20.22 31.48 25.92
CA GLY A 268 -20.20 30.12 25.39
C GLY A 268 -18.84 29.45 25.45
N VAL A 269 -18.85 28.12 25.43
CA VAL A 269 -17.63 27.34 25.45
C VAL A 269 -17.47 26.56 24.16
N VAL A 270 -16.27 26.56 23.61
CA VAL A 270 -15.96 25.80 22.40
C VAL A 270 -15.15 24.59 22.84
N LEU A 271 -15.61 23.40 22.50
CA LEU A 271 -14.94 22.15 22.90
C LEU A 271 -14.39 21.34 21.73
N VAL A 272 -13.07 21.39 21.52
CA VAL A 272 -12.45 20.60 20.46
C VAL A 272 -12.18 19.19 20.98
N ILE A 273 -12.84 18.20 20.42
CA ILE A 273 -12.65 16.82 20.86
C ILE A 273 -12.02 15.97 19.77
N GLU A 274 -10.73 15.66 19.91
CA GLU A 274 -10.08 14.83 18.92
C GLU A 274 -8.79 14.21 19.43
N ALA A 275 -8.17 13.39 18.59
CA ALA A 275 -6.92 12.72 18.95
C ALA A 275 -5.81 13.76 18.90
N VAL A 276 -5.36 14.17 20.08
CA VAL A 276 -4.28 15.15 20.18
C VAL A 276 -2.97 14.44 19.88
N ALA A 277 -2.02 15.13 19.25
CA ALA A 277 -0.76 14.45 19.03
C ALA A 277 -0.51 14.14 20.49
N GLY A 278 0.08 12.97 20.74
CA GLY A 278 0.38 12.54 22.09
C GLY A 278 -0.68 11.63 22.66
N ALA A 282 -4.10 8.06 17.91
CA ALA A 282 -3.40 9.32 17.71
C ALA A 282 -1.91 9.08 17.48
N GLY A 283 -1.58 8.43 16.37
CA GLY A 283 -0.20 8.14 16.03
C GLY A 283 0.17 8.93 14.79
N THR A 284 1.37 8.70 14.27
CA THR A 284 1.83 9.39 13.07
C THR A 284 1.08 8.86 11.83
N GLY A 285 0.50 7.66 11.97
CA GLY A 285 -0.26 7.04 10.88
C GLY A 285 -1.53 7.81 10.56
N MET A 286 -2.22 8.26 11.61
CA MET A 286 -3.45 9.02 11.45
C MET A 286 -3.12 10.40 10.90
N ASP A 287 -1.99 10.95 11.33
CA ASP A 287 -1.56 12.26 10.87
C ASP A 287 -1.32 12.24 9.37
N LEU A 288 -0.67 11.18 8.87
CA LEU A 288 -0.42 11.09 7.44
C LEU A 288 -1.74 10.87 6.70
N ARG A 289 -2.70 10.23 7.36
CA ARG A 289 -3.99 10.02 6.72
C ARG A 289 -4.67 11.37 6.54
N MET A 290 -4.62 12.22 7.57
CA MET A 290 -5.23 13.54 7.47
C MET A 290 -4.59 14.34 6.35
N LEU A 291 -3.28 14.21 6.22
CA LEU A 291 -2.54 14.89 5.19
C LEU A 291 -2.97 14.42 3.80
N THR A 292 -2.98 13.10 3.59
CA THR A 292 -3.34 12.59 2.28
C THR A 292 -4.83 12.74 1.96
N TYR A 293 -5.69 12.74 2.97
CA TYR A 293 -7.13 12.89 2.73
C TYR A 293 -7.55 14.32 2.42
N PHE A 294 -7.23 15.23 3.33
CA PHE A 294 -7.63 16.62 3.16
C PHE A 294 -6.54 17.65 3.29
N GLY A 295 -5.33 17.20 3.59
CA GLY A 295 -4.26 18.16 3.80
C GLY A 295 -4.44 18.70 5.21
N GLY A 296 -5.05 17.89 6.08
CA GLY A 296 -5.26 18.28 7.45
C GLY A 296 -4.09 17.79 8.26
N LYS A 297 -4.22 17.75 9.59
CA LYS A 297 -3.12 17.30 10.43
C LYS A 297 -3.49 17.09 11.88
N GLU A 298 -2.80 16.18 12.55
CA GLU A 298 -3.03 15.95 13.96
C GLU A 298 -2.24 17.06 14.62
N ARG A 299 -2.83 17.73 15.59
CA ARG A 299 -2.13 18.82 16.24
C ARG A 299 -1.89 18.57 17.72
N SER A 300 -0.97 19.34 18.30
CA SER A 300 -0.67 19.25 19.72
C SER A 300 -1.51 20.32 20.43
N LEU A 301 -1.53 20.28 21.76
CA LEU A 301 -2.28 21.27 22.52
C LEU A 301 -1.70 22.64 22.20
N ALA A 302 -0.39 22.70 22.01
CA ALA A 302 0.26 23.95 21.69
C ALA A 302 -0.25 24.46 20.35
N GLU A 303 -0.27 23.57 19.35
CA GLU A 303 -0.72 23.94 18.01
C GLU A 303 -2.20 24.33 17.98
N LEU A 304 -3.01 23.69 18.83
CA LEU A 304 -4.43 24.02 18.91
C LEU A 304 -4.52 25.38 19.57
N GLY A 305 -3.62 25.61 20.53
CA GLY A 305 -3.60 26.87 21.23
C GLY A 305 -3.37 28.01 20.27
N GLU A 306 -2.47 27.81 19.31
CA GLU A 306 -2.17 28.83 18.31
C GLU A 306 -3.40 29.16 17.49
N LEU A 307 -4.03 28.11 16.95
CA LEU A 307 -5.22 28.30 16.16
C LEU A 307 -6.23 29.09 16.98
N ALA A 308 -6.47 28.62 18.20
CA ALA A 308 -7.42 29.28 19.08
C ALA A 308 -7.10 30.76 19.19
N ALA A 309 -5.82 31.08 19.36
CA ALA A 309 -5.41 32.47 19.48
C ALA A 309 -5.84 33.28 18.25
N GLN A 310 -5.64 32.71 17.06
CA GLN A 310 -6.02 33.42 15.85
C GLN A 310 -7.52 33.60 15.75
N ALA A 311 -8.29 32.75 16.41
CA ALA A 311 -9.74 32.88 16.36
C ALA A 311 -10.27 33.63 17.58
N GLY A 312 -9.37 34.20 18.37
CA GLY A 312 -9.78 34.93 19.55
C GLY A 312 -10.27 34.06 20.70
N LEU A 313 -9.73 32.86 20.82
CA LEU A 313 -10.11 31.95 21.90
C LEU A 313 -8.84 31.54 22.62
N ALA A 314 -9.01 30.89 23.76
CA ALA A 314 -7.88 30.41 24.53
C ALA A 314 -8.22 29.08 25.18
N VAL A 315 -7.26 28.17 25.19
CA VAL A 315 -7.46 26.88 25.81
C VAL A 315 -7.49 27.14 27.31
N ARG A 316 -8.43 26.54 28.01
CA ARG A 316 -8.53 26.75 29.44
C ARG A 316 -8.59 25.42 30.17
N ALA A 317 -8.67 24.33 29.40
CA ALA A 317 -8.71 22.99 29.96
C ALA A 317 -8.47 21.94 28.88
N ALA A 318 -8.02 20.76 29.29
CA ALA A 318 -7.76 19.67 28.37
C ALA A 318 -7.87 18.36 29.14
N HIS A 319 -9.02 17.70 29.03
CA HIS A 319 -9.24 16.46 29.75
C HIS A 319 -9.06 15.23 28.84
N PRO A 320 -8.08 14.37 29.16
CA PRO A 320 -7.90 13.19 28.32
C PRO A 320 -9.08 12.26 28.62
N ILE A 321 -9.54 11.54 27.62
CA ILE A 321 -10.68 10.63 27.80
C ILE A 321 -10.33 9.58 26.78
N SER A 322 -9.64 8.55 27.25
CA SER A 322 -9.17 7.46 26.41
C SER A 322 -8.33 7.93 25.24
N TYR A 323 -8.63 7.38 24.08
CA TYR A 323 -7.90 7.69 22.86
C TYR A 323 -7.82 9.19 22.52
N VAL A 324 -8.84 9.94 22.92
CA VAL A 324 -8.87 11.36 22.61
C VAL A 324 -8.84 12.27 23.84
N SER A 325 -9.00 13.57 23.60
CA SER A 325 -9.01 14.56 24.67
C SER A 325 -10.07 15.61 24.37
N ILE A 326 -10.53 16.29 25.41
CA ILE A 326 -11.51 17.34 25.23
C ILE A 326 -10.80 18.62 25.61
N VAL A 327 -10.51 19.47 24.64
CA VAL A 327 -9.87 20.72 25.00
C VAL A 327 -10.93 21.82 24.94
N GLU A 328 -11.13 22.46 26.08
CA GLU A 328 -12.13 23.50 26.25
C GLU A 328 -11.56 24.91 25.99
N MET A 329 -12.13 25.61 25.03
CA MET A 329 -11.69 26.96 24.69
C MET A 329 -12.82 27.96 24.94
N THR A 330 -12.45 29.19 25.32
CA THR A 330 -13.44 30.24 25.55
C THR A 330 -12.88 31.56 25.05
N ALA A 331 -13.77 32.52 24.84
CA ALA A 331 -13.40 33.83 24.34
C ALA A 331 -12.17 34.36 25.04
N LEU A 332 -11.30 34.99 24.26
CA LEU A 332 -10.08 35.58 24.78
C LEU A 332 -10.43 36.73 25.72
N ALA B 5 3.65 -16.08 10.98
CA ALA B 5 2.87 -15.22 11.86
C ALA B 5 3.47 -13.82 11.95
N ALA B 6 2.65 -12.85 12.34
CA ALA B 6 3.09 -11.46 12.47
C ALA B 6 1.97 -10.56 12.93
N HIS B 7 1.24 -10.99 13.96
CA HIS B 7 0.11 -10.21 14.50
C HIS B 7 0.37 -8.77 15.04
N ILE B 8 -0.51 -7.82 14.66
CA ILE B 8 -0.60 -6.48 15.22
C ILE B 8 -1.99 -5.81 15.38
N GLY B 9 -3.04 -6.42 14.86
CA GLY B 9 -4.33 -5.75 14.75
C GLY B 9 -4.68 -5.69 13.27
N LEU B 10 -5.93 -5.94 12.92
CA LEU B 10 -6.31 -5.93 11.51
C LEU B 10 -6.03 -4.63 10.75
N ARG B 11 -6.47 -3.48 11.27
CA ARG B 11 -6.22 -2.23 10.57
C ARG B 11 -4.72 -1.95 10.39
N ALA B 12 -3.92 -2.35 11.38
CA ALA B 12 -2.47 -2.18 11.31
C ALA B 12 -1.88 -3.09 10.25
N LEU B 13 -2.43 -4.29 10.15
CA LEU B 13 -1.95 -5.25 9.17
C LEU B 13 -2.29 -4.82 7.75
N ALA B 14 -3.28 -3.93 7.62
CA ALA B 14 -3.70 -3.46 6.30
C ALA B 14 -3.21 -2.03 6.07
N ASP B 15 -2.28 -1.59 6.91
CA ASP B 15 -1.73 -0.25 6.83
C ASP B 15 -0.99 0.05 5.52
N LEU B 16 -1.31 1.18 4.90
CA LEU B 16 -0.65 1.57 3.66
C LEU B 16 0.22 2.79 3.90
N ALA B 17 0.02 3.47 5.03
CA ALA B 17 0.80 4.67 5.32
C ALA B 17 2.30 4.40 5.51
N THR B 18 2.63 3.32 6.20
CA THR B 18 4.03 3.03 6.42
C THR B 18 4.77 2.60 5.17
N PRO B 19 4.30 1.54 4.50
CA PRO B 19 5.02 1.13 3.28
C PRO B 19 5.14 2.28 2.29
N MET B 20 4.09 3.09 2.19
CA MET B 20 4.12 4.23 1.28
C MET B 20 5.09 5.29 1.75
N ALA B 21 5.19 5.48 3.07
CA ALA B 21 6.11 6.46 3.61
C ALA B 21 7.54 6.02 3.34
N VAL B 22 7.80 4.72 3.47
CA VAL B 22 9.15 4.21 3.21
C VAL B 22 9.49 4.42 1.74
N ARG B 23 8.54 4.12 0.87
CA ARG B 23 8.75 4.27 -0.56
C ARG B 23 9.01 5.73 -0.93
N VAL B 24 8.25 6.64 -0.33
CA VAL B 24 8.44 8.06 -0.61
C VAL B 24 9.83 8.52 -0.12
N ALA B 25 10.24 8.01 1.04
CA ALA B 25 11.55 8.36 1.58
C ALA B 25 12.62 7.88 0.60
N ALA B 26 12.50 6.64 0.17
CA ALA B 26 13.46 6.08 -0.77
C ALA B 26 13.51 6.98 -2.00
N THR B 27 12.34 7.29 -2.55
CA THR B 27 12.27 8.13 -3.73
C THR B 27 12.87 9.52 -3.51
N LEU B 28 12.63 10.11 -2.34
CA LEU B 28 13.16 11.44 -2.06
C LEU B 28 14.62 11.46 -1.61
N ARG B 29 15.20 10.28 -1.38
CA ARG B 29 16.60 10.19 -0.98
C ARG B 29 16.95 10.79 0.38
N VAL B 30 15.95 10.86 1.25
CA VAL B 30 16.13 11.41 2.59
C VAL B 30 17.38 10.86 3.28
N ALA B 31 17.55 9.54 3.26
CA ALA B 31 18.70 8.92 3.91
C ALA B 31 20.02 9.49 3.42
N ASP B 32 20.15 9.67 2.12
CA ASP B 32 21.38 10.19 1.55
C ASP B 32 21.59 11.67 1.85
N HIS B 33 20.50 12.44 1.88
CA HIS B 33 20.63 13.85 2.19
C HIS B 33 21.10 14.03 3.62
N ILE B 34 20.65 13.14 4.50
CA ILE B 34 21.05 13.18 5.90
C ILE B 34 22.53 12.86 6.04
N ALA B 35 22.98 11.78 5.41
CA ALA B 35 24.38 11.39 5.46
C ALA B 35 25.24 12.53 4.89
N ALA B 36 24.67 13.33 4.01
CA ALA B 36 25.37 14.44 3.38
C ALA B 36 25.28 15.71 4.21
N GLY B 37 24.95 15.58 5.49
CA GLY B 37 24.88 16.74 6.35
C GLY B 37 23.56 17.50 6.50
N HIS B 38 22.54 17.17 5.72
CA HIS B 38 21.25 17.87 5.85
C HIS B 38 20.48 17.08 6.89
N ARG B 39 20.32 17.67 8.08
CA ARG B 39 19.66 16.96 9.16
C ARG B 39 18.33 17.51 9.69
N THR B 40 17.96 18.74 9.30
CA THR B 40 16.69 19.27 9.75
C THR B 40 15.68 19.10 8.62
N ALA B 41 14.40 19.12 8.98
CA ALA B 41 13.35 18.97 7.99
C ALA B 41 13.45 20.02 6.90
N ALA B 42 13.85 21.23 7.28
CA ALA B 42 13.95 22.30 6.31
C ALA B 42 15.06 22.03 5.28
N GLU B 43 16.20 21.56 5.75
CA GLU B 43 17.32 21.28 4.87
C GLU B 43 17.02 20.11 3.93
N ILE B 44 16.60 18.98 4.50
CA ILE B 44 16.27 17.79 3.72
C ILE B 44 15.21 18.09 2.68
N ALA B 45 14.19 18.84 3.08
CA ALA B 45 13.11 19.21 2.18
C ALA B 45 13.65 20.06 1.04
N SER B 46 14.56 20.97 1.37
CA SER B 46 15.14 21.87 0.38
C SER B 46 15.97 21.08 -0.63
N ALA B 47 16.75 20.12 -0.12
CA ALA B 47 17.60 19.28 -0.93
C ALA B 47 16.79 18.32 -1.81
N ALA B 48 15.67 17.84 -1.27
CA ALA B 48 14.83 16.90 -2.00
C ALA B 48 13.71 17.56 -2.81
N GLY B 49 13.47 18.83 -2.56
CA GLY B 49 12.40 19.51 -3.29
C GLY B 49 11.03 19.14 -2.77
N ALA B 50 10.94 18.92 -1.46
CA ALA B 50 9.67 18.55 -0.83
C ALA B 50 9.11 19.67 0.04
N HIS B 51 7.84 19.53 0.42
CA HIS B 51 7.18 20.53 1.29
C HIS B 51 7.72 20.30 2.70
N ALA B 52 8.35 21.31 3.27
CA ALA B 52 8.95 21.21 4.60
C ALA B 52 8.08 20.55 5.68
N ASP B 53 6.95 21.17 6.01
CA ASP B 53 6.06 20.62 7.03
C ASP B 53 5.68 19.18 6.73
N SER B 54 5.34 18.93 5.47
CA SER B 54 4.96 17.59 5.05
C SER B 54 6.10 16.60 5.22
N LEU B 55 7.27 16.93 4.68
CA LEU B 55 8.42 16.04 4.79
C LEU B 55 8.68 15.77 6.27
N ASP B 56 8.59 16.80 7.09
CA ASP B 56 8.81 16.64 8.52
C ASP B 56 7.84 15.63 9.12
N ARG B 57 6.58 15.71 8.72
CA ARG B 57 5.56 14.79 9.22
C ARG B 57 5.85 13.36 8.76
N LEU B 58 6.44 13.23 7.57
CA LEU B 58 6.80 11.92 7.04
C LEU B 58 7.96 11.34 7.84
N LEU B 59 8.93 12.19 8.13
CA LEU B 59 10.09 11.77 8.89
C LEU B 59 9.70 11.37 10.31
N ARG B 60 8.87 12.17 10.97
CA ARG B 60 8.43 11.84 12.32
C ARG B 60 7.79 10.45 12.32
N HIS B 61 7.01 10.16 11.29
CA HIS B 61 6.36 8.86 11.18
C HIS B 61 7.41 7.76 11.06
N LEU B 62 8.43 8.01 10.25
CA LEU B 62 9.48 7.02 10.05
C LEU B 62 10.45 6.83 11.24
N VAL B 63 10.58 7.83 12.11
CA VAL B 63 11.44 7.63 13.28
C VAL B 63 10.63 6.69 14.16
N ALA B 64 9.31 6.88 14.14
CA ALA B 64 8.42 6.03 14.93
C ALA B 64 8.50 4.60 14.41
N VAL B 65 8.56 4.47 13.08
CA VAL B 65 8.66 3.16 12.44
C VAL B 65 10.01 2.50 12.77
N GLY B 66 11.01 3.33 13.06
CA GLY B 66 12.32 2.82 13.40
C GLY B 66 13.44 3.05 12.40
N LEU B 67 13.21 3.88 11.39
CA LEU B 67 14.24 4.10 10.40
C LEU B 67 15.07 5.36 10.69
N PHE B 68 14.47 6.32 11.40
CA PHE B 68 15.17 7.55 11.72
C PHE B 68 15.21 7.89 13.22
N THR B 69 16.03 8.87 13.56
CA THR B 69 16.15 9.34 14.92
C THR B 69 16.03 10.87 14.88
N ARG B 70 15.54 11.46 15.95
CA ARG B 70 15.37 12.91 15.98
C ARG B 70 15.70 13.46 17.37
N ASP B 71 16.55 14.48 17.43
CA ASP B 71 16.93 15.09 18.69
C ASP B 71 15.99 16.25 18.96
N GLY B 72 15.96 16.72 20.20
CA GLY B 72 15.09 17.82 20.57
C GLY B 72 15.22 19.09 19.75
N GLN B 73 16.30 19.21 18.99
CA GLN B 73 16.50 20.41 18.18
C GLN B 73 16.06 20.26 16.73
N GLY B 74 15.43 19.14 16.43
CA GLY B 74 14.95 18.90 15.07
C GLY B 74 15.96 18.30 14.12
N VAL B 75 17.03 17.72 14.67
CA VAL B 75 18.07 17.11 13.87
C VAL B 75 17.82 15.62 13.68
N TYR B 76 17.64 15.22 12.43
CA TYR B 76 17.39 13.82 12.10
C TYR B 76 18.67 13.06 11.80
N GLY B 77 18.66 11.78 12.14
CA GLY B 77 19.80 10.93 11.89
C GLY B 77 19.25 9.58 11.49
N LEU B 78 20.08 8.75 10.87
CA LEU B 78 19.64 7.43 10.46
C LEU B 78 19.78 6.49 11.64
N THR B 79 19.29 5.27 11.50
CA THR B 79 19.41 4.27 12.55
C THR B 79 20.10 3.10 11.88
N GLU B 80 20.45 2.09 12.67
CA GLU B 80 21.10 0.92 12.13
C GLU B 80 20.25 0.42 10.97
N PHE B 81 18.94 0.58 11.14
CA PHE B 81 17.99 0.15 10.13
C PHE B 81 17.89 1.14 8.97
N GLY B 82 17.66 2.42 9.29
CA GLY B 82 17.54 3.44 8.27
C GLY B 82 18.74 3.59 7.35
N GLU B 83 19.79 2.84 7.64
CA GLU B 83 21.01 2.87 6.86
C GLU B 83 20.74 2.22 5.49
N GLN B 84 19.87 1.21 5.49
CA GLN B 84 19.49 0.48 4.29
C GLN B 84 18.84 1.36 3.22
N LEU B 85 18.47 2.59 3.60
CA LEU B 85 17.85 3.50 2.66
C LEU B 85 18.88 4.28 1.87
N ARG B 86 20.12 4.30 2.37
CA ARG B 86 21.20 5.00 1.68
C ARG B 86 21.40 4.34 0.33
N ASP B 87 21.53 5.15 -0.72
CA ASP B 87 21.72 4.60 -2.06
C ASP B 87 23.04 3.84 -2.18
N ASP B 88 24.06 4.28 -1.46
CA ASP B 88 25.37 3.64 -1.50
C ASP B 88 25.43 2.42 -0.61
N HIS B 89 24.33 2.11 0.07
CA HIS B 89 24.28 0.95 0.96
C HIS B 89 24.58 -0.33 0.16
N ALA B 90 25.18 -1.30 0.84
CA ALA B 90 25.55 -2.57 0.22
C ALA B 90 24.42 -3.47 -0.28
N ALA B 91 23.31 -3.50 0.43
CA ALA B 91 22.20 -4.36 0.02
C ALA B 91 21.47 -3.83 -1.20
N GLY B 92 21.72 -2.56 -1.53
CA GLY B 92 21.12 -1.92 -2.70
C GLY B 92 19.61 -2.02 -2.82
N LYS B 93 18.91 -1.91 -1.69
CA LYS B 93 17.46 -2.01 -1.66
C LYS B 93 16.71 -0.75 -2.06
N ARG B 94 17.34 0.41 -1.86
CA ARG B 94 16.71 1.69 -2.17
C ARG B 94 16.14 1.78 -3.58
N LYS B 95 16.93 1.41 -4.59
CA LYS B 95 16.46 1.51 -5.95
C LYS B 95 15.20 0.69 -6.23
N TRP B 96 15.00 -0.39 -5.50
CA TRP B 96 13.82 -1.20 -5.71
C TRP B 96 12.55 -0.48 -5.24
N LEU B 97 12.69 0.43 -4.27
CA LEU B 97 11.55 1.16 -3.73
C LEU B 97 11.34 2.53 -4.36
N ASP B 98 12.32 3.01 -5.12
CA ASP B 98 12.19 4.32 -5.74
C ASP B 98 11.00 4.32 -6.70
N MET B 99 10.07 5.26 -6.51
CA MET B 99 8.91 5.32 -7.38
C MET B 99 9.24 5.60 -8.84
N ASN B 100 10.49 5.93 -9.12
CA ASN B 100 10.90 6.21 -10.49
C ASN B 100 11.39 4.96 -11.20
N SER B 101 11.88 3.97 -10.44
CA SER B 101 12.36 2.73 -11.03
C SER B 101 11.18 1.88 -11.50
N ALA B 102 11.43 0.97 -12.43
CA ALA B 102 10.39 0.11 -12.96
C ALA B 102 9.63 -0.67 -11.89
N VAL B 103 10.33 -1.25 -10.92
CA VAL B 103 9.65 -2.02 -9.88
C VAL B 103 9.04 -1.17 -8.76
N GLY B 104 9.59 0.01 -8.52
CA GLY B 104 9.04 0.87 -7.47
C GLY B 104 7.75 1.45 -8.00
N ARG B 105 7.66 1.54 -9.31
CA ARG B 105 6.49 2.06 -10.00
C ARG B 105 5.46 0.92 -10.15
N GLY B 106 5.93 -0.25 -10.58
CA GLY B 106 5.02 -1.37 -10.76
C GLY B 106 4.30 -1.78 -9.48
N ASP B 107 5.00 -1.79 -8.36
CA ASP B 107 4.39 -2.19 -7.10
C ASP B 107 3.17 -1.34 -6.74
N LEU B 108 3.16 -0.07 -7.12
CA LEU B 108 2.01 0.78 -6.81
C LEU B 108 0.76 0.22 -7.51
N GLY B 109 0.99 -0.67 -8.49
CA GLY B 109 -0.13 -1.26 -9.18
C GLY B 109 -0.91 -2.18 -8.23
N PHE B 110 -0.34 -2.42 -7.05
CA PHE B 110 -1.00 -3.27 -6.07
C PHE B 110 -2.29 -2.63 -5.57
N VAL B 111 -2.43 -1.32 -5.68
CA VAL B 111 -3.68 -0.71 -5.23
C VAL B 111 -4.82 -1.22 -6.08
N GLU B 112 -4.51 -1.90 -7.16
CA GLU B 112 -5.56 -2.43 -8.03
C GLU B 112 -5.68 -3.94 -7.92
N LEU B 113 -5.08 -4.52 -6.87
CA LEU B 113 -5.12 -5.97 -6.65
C LEU B 113 -6.53 -6.55 -6.85
N ALA B 114 -7.54 -5.87 -6.31
CA ALA B 114 -8.92 -6.34 -6.42
C ALA B 114 -9.26 -6.73 -7.84
N HIS B 115 -8.91 -5.88 -8.80
CA HIS B 115 -9.21 -6.19 -10.19
C HIS B 115 -8.61 -7.53 -10.58
N SER B 116 -7.40 -7.81 -10.10
CA SER B 116 -6.71 -9.06 -10.42
C SER B 116 -7.37 -10.27 -9.80
N ILE B 117 -7.73 -10.16 -8.53
CA ILE B 117 -8.36 -11.25 -7.80
C ILE B 117 -9.74 -11.51 -8.36
N ARG B 118 -10.33 -10.48 -8.93
CA ARG B 118 -11.65 -10.58 -9.48
C ARG B 118 -11.67 -11.16 -10.89
N THR B 119 -10.68 -10.82 -11.71
CA THR B 119 -10.66 -11.29 -13.09
C THR B 119 -9.51 -12.19 -13.52
N GLY B 120 -8.44 -12.23 -12.73
CA GLY B 120 -7.29 -13.04 -13.10
C GLY B 120 -6.40 -12.26 -14.06
N GLN B 121 -6.78 -11.02 -14.35
CA GLN B 121 -6.01 -10.18 -15.26
C GLN B 121 -5.04 -9.29 -14.47
N PRO B 122 -3.94 -8.88 -15.11
CA PRO B 122 -2.96 -8.02 -14.43
C PRO B 122 -3.59 -6.72 -13.98
N ALA B 123 -3.05 -6.15 -12.90
CA ALA B 123 -3.54 -4.90 -12.33
C ALA B 123 -2.76 -3.70 -12.85
N TYR B 124 -1.50 -3.94 -13.20
CA TYR B 124 -0.65 -2.87 -13.70
C TYR B 124 -1.40 -2.02 -14.73
N PRO B 125 -2.01 -2.65 -15.75
CA PRO B 125 -2.74 -1.90 -16.78
C PRO B 125 -3.81 -0.99 -16.22
N VAL B 126 -4.55 -1.49 -15.23
CA VAL B 126 -5.61 -0.70 -14.64
C VAL B 126 -5.03 0.63 -14.15
N ARG B 127 -3.85 0.58 -13.57
CA ARG B 127 -3.25 1.79 -13.06
C ARG B 127 -2.55 2.65 -14.10
N TYR B 128 -1.74 2.03 -14.97
CA TYR B 128 -1.00 2.80 -15.94
C TYR B 128 -1.50 2.84 -17.38
N GLY B 129 -2.64 2.20 -17.64
CA GLY B 129 -3.23 2.23 -18.96
C GLY B 129 -2.48 1.54 -20.07
N THR B 130 -1.54 0.66 -19.71
CA THR B 130 -0.76 -0.06 -20.71
C THR B 130 -0.08 -1.21 -20.00
N SER B 131 0.40 -2.19 -20.74
CA SER B 131 1.06 -3.31 -20.10
C SER B 131 2.45 -2.91 -19.62
N PHE B 132 3.02 -3.70 -18.72
CA PHE B 132 4.34 -3.43 -18.19
C PHE B 132 5.37 -3.32 -19.32
N TRP B 133 5.43 -4.35 -20.16
CA TRP B 133 6.39 -4.36 -21.26
C TRP B 133 6.16 -3.25 -22.26
N GLU B 134 4.91 -2.92 -22.54
CA GLU B 134 4.63 -1.85 -23.47
C GLU B 134 5.19 -0.56 -22.88
N ASP B 135 4.98 -0.40 -21.58
CA ASP B 135 5.44 0.76 -20.83
C ASP B 135 6.95 0.95 -20.93
N LEU B 136 7.69 -0.14 -20.72
CA LEU B 136 9.14 -0.08 -20.79
C LEU B 136 9.58 0.11 -22.25
N GLY B 137 8.91 -0.60 -23.16
CA GLY B 137 9.24 -0.49 -24.56
C GLY B 137 9.15 0.91 -25.14
N SER B 138 8.41 1.80 -24.48
CA SER B 138 8.27 3.16 -24.98
C SER B 138 8.94 4.21 -24.10
N ASP B 139 9.69 3.75 -23.09
CA ASP B 139 10.40 4.65 -22.18
C ASP B 139 11.75 4.00 -21.87
N PRO B 140 12.76 4.25 -22.71
CA PRO B 140 14.11 3.70 -22.55
C PRO B 140 14.69 3.89 -21.15
N VAL B 141 14.42 5.04 -20.54
CA VAL B 141 14.94 5.30 -19.20
C VAL B 141 14.32 4.34 -18.20
N LEU B 142 12.98 4.26 -18.21
CA LEU B 142 12.25 3.37 -17.32
C LEU B 142 12.78 1.96 -17.55
N SER B 143 12.95 1.60 -18.81
CA SER B 143 13.43 0.28 -19.21
C SER B 143 14.84 0.00 -18.73
N ALA B 144 15.67 1.05 -18.68
CA ALA B 144 17.04 0.91 -18.21
C ALA B 144 17.05 0.58 -16.72
N SER B 145 16.22 1.28 -15.95
CA SER B 145 16.16 1.02 -14.52
C SER B 145 15.78 -0.45 -14.30
N PHE B 146 14.82 -0.94 -15.07
CA PHE B 146 14.41 -2.33 -14.91
C PHE B 146 15.59 -3.28 -15.14
N ASP B 147 16.37 -3.04 -16.21
CA ASP B 147 17.52 -3.89 -16.53
C ASP B 147 18.51 -3.93 -15.38
N THR B 148 18.75 -2.76 -14.79
CA THR B 148 19.65 -2.62 -13.68
C THR B 148 19.14 -3.45 -12.51
N LEU B 149 17.84 -3.37 -12.27
CA LEU B 149 17.21 -4.11 -11.18
C LEU B 149 17.33 -5.61 -11.38
N MET B 150 17.02 -6.09 -12.58
CA MET B 150 17.11 -7.53 -12.83
C MET B 150 18.55 -7.95 -12.72
N SER B 151 19.45 -7.04 -13.08
CA SER B 151 20.88 -7.32 -13.00
C SER B 151 21.27 -7.51 -11.53
N HIS B 152 20.71 -6.68 -10.66
CA HIS B 152 20.98 -6.74 -9.24
C HIS B 152 20.39 -8.01 -8.61
N HIS B 153 19.27 -8.49 -9.16
CA HIS B 153 18.65 -9.69 -8.63
C HIS B 153 19.48 -10.93 -8.94
N LEU B 154 20.39 -10.81 -9.89
CA LEU B 154 21.26 -11.92 -10.27
C LEU B 154 22.33 -12.13 -9.19
N GLU B 155 22.88 -11.03 -8.70
CA GLU B 155 23.92 -11.08 -7.69
C GLU B 155 23.31 -11.63 -6.39
N LEU B 156 22.08 -11.21 -6.12
CA LEU B 156 21.38 -11.63 -4.91
C LEU B 156 21.01 -13.12 -4.90
N ASP B 157 20.40 -13.61 -5.97
CA ASP B 157 19.94 -15.01 -6.02
C ASP B 157 20.80 -16.02 -6.77
N TYR B 158 21.57 -15.55 -7.74
CA TYR B 158 22.38 -16.45 -8.58
C TYR B 158 23.84 -16.56 -8.20
N THR B 159 24.18 -16.26 -6.96
CA THR B 159 25.57 -16.30 -6.59
C THR B 159 26.11 -17.70 -6.85
N GLY B 160 27.24 -17.75 -7.54
CA GLY B 160 27.87 -19.00 -7.90
C GLY B 160 27.03 -19.92 -8.76
N ILE B 161 26.18 -19.39 -9.64
CA ILE B 161 25.43 -20.29 -10.49
C ILE B 161 26.26 -20.93 -11.61
N ALA B 162 27.46 -20.38 -11.83
CA ALA B 162 28.36 -20.86 -12.85
C ALA B 162 28.88 -22.28 -12.57
N ALA B 163 29.21 -22.54 -11.31
CA ALA B 163 29.73 -23.84 -10.92
C ALA B 163 28.64 -24.86 -10.58
N LYS B 164 27.46 -24.38 -10.22
CA LYS B 164 26.35 -25.25 -9.83
C LYS B 164 25.82 -26.12 -10.97
N TYR B 165 26.25 -25.83 -12.20
CA TYR B 165 25.80 -26.58 -13.36
C TYR B 165 26.96 -26.67 -14.35
N ASP B 166 26.92 -27.71 -15.20
CA ASP B 166 27.99 -27.90 -16.17
C ASP B 166 27.68 -27.17 -17.47
N TRP B 167 27.85 -25.84 -17.40
CA TRP B 167 27.61 -24.98 -18.54
C TRP B 167 28.54 -25.27 -19.70
N ALA B 168 29.83 -25.29 -19.39
CA ALA B 168 30.86 -25.57 -20.39
C ALA B 168 30.44 -26.63 -21.41
N ALA B 169 29.87 -27.71 -20.92
CA ALA B 169 29.44 -28.81 -21.77
C ALA B 169 28.41 -28.41 -22.82
N LEU B 170 27.78 -27.26 -22.62
CA LEU B 170 26.76 -26.79 -23.54
C LEU B 170 27.32 -26.23 -24.85
N GLY B 171 28.52 -25.66 -24.79
CA GLY B 171 29.13 -25.11 -25.99
C GLY B 171 28.65 -23.70 -26.28
N HIS B 172 27.38 -23.59 -26.65
CA HIS B 172 26.76 -22.30 -26.93
C HIS B 172 25.37 -22.25 -26.31
N VAL B 173 25.14 -21.28 -25.42
CA VAL B 173 23.84 -21.14 -24.79
C VAL B 173 23.13 -19.87 -25.24
N VAL B 174 21.84 -19.99 -25.48
CA VAL B 174 21.04 -18.85 -25.87
C VAL B 174 20.24 -18.44 -24.65
N ASP B 175 20.46 -17.24 -24.14
CA ASP B 175 19.71 -16.78 -22.98
C ASP B 175 18.47 -16.08 -23.51
N VAL B 176 17.36 -16.80 -23.53
CA VAL B 176 16.10 -16.26 -24.03
C VAL B 176 15.55 -15.30 -22.99
N GLY B 177 15.40 -14.04 -23.39
CA GLY B 177 14.91 -13.02 -22.47
C GLY B 177 16.01 -12.72 -21.47
N GLY B 178 17.26 -12.83 -21.95
CA GLY B 178 18.44 -12.60 -21.13
C GLY B 178 18.75 -11.20 -20.66
N GLY B 179 17.80 -10.28 -20.82
CA GLY B 179 18.03 -8.91 -20.37
C GLY B 179 19.33 -8.27 -20.85
N SER B 180 19.98 -7.50 -19.97
CA SER B 180 21.21 -6.83 -20.34
C SER B 180 22.47 -7.70 -20.29
N GLY B 181 22.27 -9.01 -20.40
CA GLY B 181 23.39 -9.94 -20.42
C GLY B 181 24.19 -10.20 -19.17
N GLY B 182 23.65 -9.81 -18.02
CA GLY B 182 24.37 -10.03 -16.77
C GLY B 182 24.64 -11.51 -16.52
N LEU B 183 23.65 -12.37 -16.76
CA LEU B 183 23.85 -13.78 -16.51
C LEU B 183 24.83 -14.39 -17.50
N LEU B 184 24.57 -14.21 -18.79
CA LEU B 184 25.44 -14.76 -19.83
C LEU B 184 26.87 -14.30 -19.58
N SER B 185 27.04 -13.02 -19.22
CA SER B 185 28.35 -12.47 -18.94
C SER B 185 29.06 -13.22 -17.81
N ALA B 186 28.30 -13.66 -16.82
CA ALA B 186 28.88 -14.38 -15.69
C ALA B 186 29.22 -15.82 -16.08
N LEU B 187 28.40 -16.40 -16.96
CA LEU B 187 28.62 -17.76 -17.42
C LEU B 187 29.88 -17.81 -18.28
N LEU B 188 29.98 -16.88 -19.22
CA LEU B 188 31.13 -16.82 -20.12
C LEU B 188 32.43 -16.45 -19.41
N THR B 189 32.33 -15.66 -18.34
CA THR B 189 33.52 -15.28 -17.61
C THR B 189 34.11 -16.48 -16.86
N ALA B 190 33.24 -17.36 -16.38
CA ALA B 190 33.69 -18.52 -15.64
C ALA B 190 34.06 -19.69 -16.56
N HIS B 191 33.60 -19.64 -17.81
CA HIS B 191 33.91 -20.69 -18.76
C HIS B 191 34.42 -20.09 -20.06
N GLU B 192 35.75 -20.03 -20.16
CA GLU B 192 36.44 -19.45 -21.31
C GLU B 192 36.18 -19.94 -22.71
N ASP B 193 35.85 -21.22 -22.88
CA ASP B 193 35.61 -21.74 -24.22
C ASP B 193 34.13 -21.78 -24.54
N LEU B 194 33.34 -21.10 -23.71
CA LEU B 194 31.91 -21.08 -23.91
C LEU B 194 31.49 -19.82 -24.67
N SER B 195 30.45 -19.95 -25.48
CA SER B 195 29.90 -18.83 -26.24
C SER B 195 28.39 -18.78 -26.02
N GLY B 196 27.80 -17.60 -26.18
CA GLY B 196 26.36 -17.47 -25.98
C GLY B 196 25.70 -16.31 -26.70
N THR B 197 24.38 -16.25 -26.59
CA THR B 197 23.59 -15.22 -27.24
C THR B 197 22.45 -14.73 -26.34
N VAL B 198 22.30 -13.41 -26.23
CA VAL B 198 21.23 -12.84 -25.45
C VAL B 198 20.13 -12.47 -26.40
N LEU B 199 18.95 -13.07 -26.27
CA LEU B 199 17.83 -12.73 -27.12
C LEU B 199 16.80 -11.99 -26.28
N ASP B 200 16.56 -10.72 -26.59
CA ASP B 200 15.61 -9.92 -25.83
C ASP B 200 15.07 -8.81 -26.72
N LEU B 201 14.31 -7.89 -26.14
CA LEU B 201 13.76 -6.78 -26.90
C LEU B 201 14.87 -5.72 -27.05
N GLN B 202 14.70 -4.81 -28.00
CA GLN B 202 15.68 -3.75 -28.28
C GLN B 202 16.44 -3.23 -27.06
N GLY B 203 15.70 -2.65 -26.12
CA GLY B 203 16.30 -2.07 -24.93
C GLY B 203 17.30 -2.97 -24.23
N PRO B 204 16.83 -4.05 -23.59
CA PRO B 204 17.77 -4.93 -22.90
C PRO B 204 18.90 -5.43 -23.80
N ALA B 205 18.55 -5.82 -25.03
CA ALA B 205 19.56 -6.34 -25.96
C ALA B 205 20.68 -5.35 -26.28
N SER B 206 20.30 -4.10 -26.50
CA SER B 206 21.29 -3.09 -26.80
C SER B 206 22.20 -2.92 -25.60
N ALA B 207 21.63 -2.99 -24.40
CA ALA B 207 22.41 -2.85 -23.18
C ALA B 207 23.33 -4.06 -23.00
N ALA B 208 22.86 -5.25 -23.37
CA ALA B 208 23.70 -6.43 -23.26
C ALA B 208 24.89 -6.24 -24.19
N HIS B 209 24.61 -5.78 -25.40
CA HIS B 209 25.61 -5.53 -26.41
C HIS B 209 26.67 -4.55 -25.91
N ARG B 210 26.20 -3.46 -25.30
CA ARG B 210 27.07 -2.43 -24.77
C ARG B 210 27.98 -3.01 -23.71
N ARG B 211 27.42 -3.92 -22.92
CA ARG B 211 28.11 -4.59 -21.84
C ARG B 211 29.22 -5.52 -22.34
N PHE B 212 28.87 -6.39 -23.28
CA PHE B 212 29.82 -7.34 -23.85
C PHE B 212 30.95 -6.61 -24.54
N LEU B 213 30.58 -5.57 -25.28
CA LEU B 213 31.53 -4.76 -26.01
C LEU B 213 32.54 -4.11 -25.06
N ASP B 214 32.02 -3.54 -23.98
CA ASP B 214 32.81 -2.85 -22.98
C ASP B 214 33.64 -3.75 -22.04
N THR B 215 33.22 -5.00 -21.89
CA THR B 215 33.94 -5.89 -21.00
C THR B 215 34.79 -6.90 -21.78
N GLY B 216 34.99 -6.63 -23.06
CA GLY B 216 35.79 -7.51 -23.89
C GLY B 216 35.23 -8.92 -24.05
N LEU B 217 33.92 -9.03 -24.22
CA LEU B 217 33.28 -10.34 -24.40
C LEU B 217 32.59 -10.49 -25.75
N SER B 218 32.61 -9.43 -26.55
CA SER B 218 31.99 -9.44 -27.87
C SER B 218 32.54 -10.59 -28.73
N GLY B 219 33.71 -11.10 -28.37
CA GLY B 219 34.28 -12.20 -29.12
C GLY B 219 33.54 -13.51 -28.91
N ARG B 220 32.83 -13.63 -27.79
CA ARG B 220 32.09 -14.85 -27.50
C ARG B 220 30.61 -14.64 -27.28
N ALA B 221 30.24 -13.41 -26.95
CA ALA B 221 28.84 -13.10 -26.67
C ALA B 221 28.22 -12.21 -27.74
N GLN B 222 27.07 -12.63 -28.24
CA GLN B 222 26.35 -11.86 -29.26
C GLN B 222 24.92 -11.60 -28.81
N VAL B 223 24.32 -10.57 -29.39
CA VAL B 223 22.97 -10.17 -29.07
C VAL B 223 22.07 -10.36 -30.28
N VAL B 224 20.77 -10.54 -30.05
CA VAL B 224 19.81 -10.70 -31.14
C VAL B 224 18.50 -10.12 -30.68
N VAL B 225 18.07 -9.03 -31.30
CA VAL B 225 16.81 -8.41 -30.94
C VAL B 225 15.68 -9.24 -31.51
N GLY B 226 14.72 -9.62 -30.66
CA GLY B 226 13.61 -10.42 -31.13
C GLY B 226 12.67 -10.82 -30.01
N SER B 227 11.52 -11.36 -30.38
CA SER B 227 10.53 -11.80 -29.40
C SER B 227 10.64 -13.31 -29.22
N PHE B 228 10.71 -13.79 -27.98
CA PHE B 228 10.81 -15.23 -27.79
C PHE B 228 9.51 -15.93 -28.14
N PHE B 229 8.57 -15.19 -28.73
CA PHE B 229 7.31 -15.80 -29.15
C PHE B 229 7.46 -16.24 -30.61
N ASP B 230 8.51 -15.73 -31.26
CA ASP B 230 8.80 -16.09 -32.64
C ASP B 230 9.98 -17.06 -32.60
N PRO B 231 10.31 -17.68 -33.74
CA PRO B 231 11.43 -18.63 -33.77
C PRO B 231 12.71 -18.06 -33.15
N LEU B 232 13.51 -18.94 -32.58
CA LEU B 232 14.75 -18.52 -31.92
C LEU B 232 15.97 -19.03 -32.66
N PRO B 233 17.13 -18.44 -32.41
CA PRO B 233 18.34 -18.92 -33.10
C PRO B 233 18.41 -20.41 -32.75
N ALA B 234 18.41 -21.28 -33.75
CA ALA B 234 18.42 -22.73 -33.50
C ALA B 234 19.78 -23.39 -33.37
N GLY B 235 19.75 -24.61 -32.83
CA GLY B 235 20.96 -25.38 -32.67
C GLY B 235 21.93 -25.11 -31.53
N ALA B 236 21.53 -24.34 -30.52
CA ALA B 236 22.45 -24.09 -29.42
C ALA B 236 22.44 -25.31 -28.50
N GLY B 237 23.46 -25.41 -27.65
CA GLY B 237 23.52 -26.55 -26.74
C GLY B 237 22.47 -26.40 -25.64
N GLY B 238 22.28 -25.16 -25.20
CA GLY B 238 21.32 -24.88 -24.16
C GLY B 238 20.61 -23.56 -24.32
N TYR B 239 19.34 -23.55 -23.93
CA TYR B 239 18.50 -22.36 -23.97
C TYR B 239 18.05 -22.04 -22.55
N VAL B 240 18.42 -20.86 -22.07
CA VAL B 240 18.07 -20.45 -20.72
C VAL B 240 16.88 -19.48 -20.64
N LEU B 241 16.01 -19.76 -19.68
CA LEU B 241 14.84 -18.94 -19.41
C LEU B 241 14.99 -18.57 -17.94
N SER B 242 15.65 -17.44 -17.70
CA SER B 242 15.91 -16.95 -16.35
C SER B 242 14.91 -15.86 -15.94
N ALA B 243 14.08 -16.16 -14.95
CA ALA B 243 13.08 -15.23 -14.45
C ALA B 243 12.21 -14.72 -15.57
N VAL B 244 11.78 -15.64 -16.43
CA VAL B 244 10.92 -15.30 -17.56
C VAL B 244 9.54 -15.93 -17.43
N LEU B 245 9.50 -17.25 -17.31
CA LEU B 245 8.22 -17.96 -17.24
C LEU B 245 7.25 -17.46 -16.18
N HIS B 246 7.73 -17.07 -15.00
CA HIS B 246 6.77 -16.61 -14.00
C HIS B 246 6.21 -15.23 -14.32
N ASP B 247 6.61 -14.66 -15.45
CA ASP B 247 6.10 -13.35 -15.87
C ASP B 247 4.94 -13.54 -16.82
N TRP B 248 4.60 -14.79 -17.13
CA TRP B 248 3.52 -15.06 -18.07
C TRP B 248 2.47 -16.04 -17.57
N ASP B 249 1.28 -16.02 -18.16
CA ASP B 249 0.26 -16.97 -17.76
C ASP B 249 0.57 -18.31 -18.44
N ASP B 250 -0.20 -19.35 -18.13
CA ASP B 250 0.05 -20.67 -18.71
C ASP B 250 0.18 -20.68 -20.24
N LEU B 251 -0.82 -20.14 -20.94
CA LEU B 251 -0.78 -20.11 -22.40
C LEU B 251 0.52 -19.58 -22.98
N SER B 252 0.93 -18.40 -22.53
CA SER B 252 2.16 -17.78 -23.01
C SER B 252 3.40 -18.56 -22.61
N ALA B 253 3.45 -18.98 -21.35
CA ALA B 253 4.60 -19.74 -20.86
C ALA B 253 4.84 -20.98 -21.72
N VAL B 254 3.75 -21.62 -22.16
CA VAL B 254 3.85 -22.81 -22.99
C VAL B 254 4.38 -22.39 -24.36
N ALA B 255 3.85 -21.31 -24.89
CA ALA B 255 4.30 -20.81 -26.19
C ALA B 255 5.81 -20.59 -26.16
N ILE B 256 6.29 -19.91 -25.12
CA ILE B 256 7.71 -19.63 -24.94
C ILE B 256 8.54 -20.91 -24.91
N LEU B 257 8.09 -21.88 -24.10
CA LEU B 257 8.79 -23.16 -23.98
C LEU B 257 8.80 -23.91 -25.32
N ARG B 258 7.76 -23.76 -26.13
CA ARG B 258 7.72 -24.42 -27.44
C ARG B 258 8.89 -23.91 -28.25
N ARG B 259 8.98 -22.58 -28.39
CA ARG B 259 10.05 -21.98 -29.17
C ARG B 259 11.42 -22.48 -28.74
N CYS B 260 11.58 -22.74 -27.45
CA CYS B 260 12.86 -23.24 -26.95
C CYS B 260 13.01 -24.71 -27.33
N ALA B 261 11.93 -25.47 -27.26
CA ALA B 261 11.95 -26.89 -27.60
C ALA B 261 12.43 -27.04 -29.03
N GLU B 262 11.74 -26.34 -29.92
CA GLU B 262 12.03 -26.35 -31.35
C GLU B 262 13.47 -25.92 -31.62
N ALA B 263 13.91 -24.83 -31.02
CA ALA B 263 15.27 -24.36 -31.23
C ALA B 263 16.31 -25.40 -30.78
N ALA B 264 16.05 -26.03 -29.64
CA ALA B 264 16.97 -27.02 -29.05
C ALA B 264 16.86 -28.39 -29.67
N GLY B 265 15.78 -28.62 -30.43
CA GLY B 265 15.59 -29.90 -31.05
C GLY B 265 15.78 -31.08 -30.10
N SER B 266 16.40 -32.14 -30.61
CA SER B 266 16.63 -33.34 -29.81
C SER B 266 18.00 -33.36 -29.17
N GLY B 267 18.84 -32.37 -29.49
CA GLY B 267 20.17 -32.34 -28.92
C GLY B 267 20.41 -31.26 -27.88
N GLY B 268 19.52 -30.28 -27.81
CA GLY B 268 19.69 -29.20 -26.85
C GLY B 268 18.94 -29.40 -25.56
N VAL B 269 19.22 -28.54 -24.59
CA VAL B 269 18.56 -28.60 -23.29
C VAL B 269 17.97 -27.24 -22.92
N VAL B 270 16.74 -27.24 -22.43
CA VAL B 270 16.10 -26.01 -22.01
C VAL B 270 16.27 -25.90 -20.49
N LEU B 271 16.78 -24.77 -20.03
CA LEU B 271 17.03 -24.54 -18.60
C LEU B 271 16.19 -23.42 -18.00
N VAL B 272 15.10 -23.76 -17.30
CA VAL B 272 14.27 -22.73 -16.66
C VAL B 272 14.88 -22.39 -15.31
N ILE B 273 15.24 -21.14 -15.12
CA ILE B 273 15.85 -20.72 -13.86
C ILE B 273 15.06 -19.62 -13.17
N GLU B 274 14.40 -19.99 -12.07
CA GLU B 274 13.62 -19.04 -11.30
C GLU B 274 13.33 -19.59 -9.91
N ALA B 275 12.72 -18.77 -9.07
CA ALA B 275 12.36 -19.20 -7.72
C ALA B 275 11.11 -20.03 -7.87
N VAL B 276 11.17 -21.32 -7.52
CA VAL B 276 9.99 -22.15 -7.63
C VAL B 276 9.18 -22.09 -6.33
N ALA B 277 7.86 -22.09 -6.45
CA ALA B 277 6.99 -22.05 -5.27
C ALA B 277 7.37 -23.17 -4.30
N GLY B 278 7.58 -22.78 -3.03
CA GLY B 278 7.95 -23.76 -2.01
C GLY B 278 9.45 -23.80 -1.77
N ALA B 282 11.70 -17.97 -3.18
CA ALA B 282 10.72 -16.89 -3.05
C ALA B 282 9.32 -17.46 -2.84
N GLY B 283 8.42 -16.65 -2.27
CA GLY B 283 7.07 -17.12 -2.00
C GLY B 283 5.86 -16.29 -2.45
N THR B 284 4.85 -16.29 -1.60
CA THR B 284 3.59 -15.59 -1.86
C THR B 284 3.70 -14.11 -2.28
N GLY B 285 4.63 -13.37 -1.68
CA GLY B 285 4.83 -11.97 -2.05
C GLY B 285 5.11 -11.81 -3.53
N MET B 286 6.10 -12.56 -4.03
CA MET B 286 6.47 -12.50 -5.44
C MET B 286 5.35 -13.02 -6.32
N ASP B 287 4.63 -14.04 -5.84
CA ASP B 287 3.54 -14.60 -6.62
C ASP B 287 2.44 -13.57 -6.91
N LEU B 288 2.08 -12.78 -5.91
CA LEU B 288 1.05 -11.76 -6.12
C LEU B 288 1.59 -10.64 -7.01
N ARG B 289 2.89 -10.39 -6.95
CA ARG B 289 3.46 -9.35 -7.78
C ARG B 289 3.39 -9.80 -9.23
N MET B 290 3.71 -11.07 -9.49
CA MET B 290 3.65 -11.56 -10.85
C MET B 290 2.22 -11.48 -11.36
N LEU B 291 1.26 -11.76 -10.48
CA LEU B 291 -0.15 -11.68 -10.84
C LEU B 291 -0.53 -10.25 -11.18
N THR B 292 -0.16 -9.32 -10.33
CA THR B 292 -0.52 -7.92 -10.58
C THR B 292 0.25 -7.25 -11.72
N TYR B 293 1.48 -7.66 -11.96
CA TYR B 293 2.27 -7.07 -13.05
C TYR B 293 1.84 -7.52 -14.44
N PHE B 294 1.75 -8.84 -14.63
CA PHE B 294 1.37 -9.37 -15.94
C PHE B 294 0.50 -10.61 -15.91
N GLY B 295 -0.18 -10.86 -14.80
CA GLY B 295 -1.00 -12.05 -14.74
C GLY B 295 -0.06 -13.23 -14.77
N GLY B 296 1.12 -13.02 -14.20
CA GLY B 296 2.15 -14.05 -14.14
C GLY B 296 1.82 -15.05 -13.04
N LYS B 297 2.79 -15.88 -12.68
CA LYS B 297 2.51 -16.91 -11.68
C LYS B 297 3.76 -17.66 -11.22
N GLU B 298 3.98 -17.72 -9.91
CA GLU B 298 5.11 -18.50 -9.41
C GLU B 298 4.63 -19.94 -9.57
N ARG B 299 5.47 -20.81 -10.10
CA ARG B 299 5.06 -22.19 -10.29
C ARG B 299 5.90 -23.21 -9.52
N SER B 300 5.30 -24.35 -9.23
CA SER B 300 6.00 -25.43 -8.53
C SER B 300 6.64 -26.34 -9.57
N LEU B 301 7.54 -27.21 -9.14
CA LEU B 301 8.19 -28.13 -10.06
C LEU B 301 7.16 -28.93 -10.83
N ALA B 302 6.07 -29.28 -10.15
CA ALA B 302 5.01 -30.05 -10.77
C ALA B 302 4.35 -29.23 -11.86
N GLU B 303 4.01 -27.98 -11.54
CA GLU B 303 3.35 -27.11 -12.51
C GLU B 303 4.21 -26.74 -13.72
N LEU B 304 5.53 -26.67 -13.52
CA LEU B 304 6.44 -26.37 -14.63
C LEU B 304 6.45 -27.61 -15.51
N GLY B 305 6.51 -28.76 -14.85
CA GLY B 305 6.52 -30.03 -15.55
C GLY B 305 5.31 -30.14 -16.43
N GLU B 306 4.17 -29.62 -15.96
CA GLU B 306 2.95 -29.68 -16.74
C GLU B 306 3.09 -28.82 -17.99
N LEU B 307 3.67 -27.63 -17.84
CA LEU B 307 3.86 -26.74 -18.96
C LEU B 307 4.82 -27.39 -19.95
N ALA B 308 5.94 -27.87 -19.44
CA ALA B 308 6.94 -28.52 -20.27
C ALA B 308 6.29 -29.60 -21.12
N ALA B 309 5.37 -30.36 -20.53
CA ALA B 309 4.68 -31.42 -21.24
C ALA B 309 3.96 -30.87 -22.47
N GLN B 310 3.18 -29.81 -22.29
CA GLN B 310 2.47 -29.20 -23.41
C GLN B 310 3.40 -28.66 -24.48
N ALA B 311 4.65 -28.38 -24.10
CA ALA B 311 5.62 -27.87 -25.05
C ALA B 311 6.50 -28.97 -25.63
N GLY B 312 6.21 -30.22 -25.26
CA GLY B 312 6.98 -31.34 -25.77
C GLY B 312 8.28 -31.61 -25.03
N LEU B 313 8.37 -31.11 -23.80
CA LEU B 313 9.56 -31.30 -22.99
C LEU B 313 9.24 -32.06 -21.71
N ALA B 314 10.30 -32.38 -20.97
CA ALA B 314 10.16 -33.10 -19.70
C ALA B 314 11.27 -32.67 -18.76
N VAL B 315 10.95 -32.53 -17.47
CA VAL B 315 11.94 -32.16 -16.48
C VAL B 315 12.86 -33.35 -16.25
N ARG B 316 14.17 -33.12 -16.33
CA ARG B 316 15.14 -34.20 -16.13
C ARG B 316 15.89 -34.00 -14.83
N ALA B 317 16.01 -32.75 -14.40
CA ALA B 317 16.73 -32.43 -13.16
C ALA B 317 16.22 -31.12 -12.57
N ALA B 318 16.58 -30.86 -11.32
CA ALA B 318 16.19 -29.63 -10.65
C ALA B 318 17.20 -29.36 -9.54
N HIS B 319 18.21 -28.55 -9.84
CA HIS B 319 19.26 -28.23 -8.86
C HIS B 319 18.96 -26.92 -8.14
N PRO B 320 18.75 -26.98 -6.82
CA PRO B 320 18.47 -25.72 -6.13
C PRO B 320 19.84 -25.05 -5.97
N ILE B 321 19.85 -23.74 -6.06
CA ILE B 321 21.03 -22.94 -5.82
C ILE B 321 20.54 -21.66 -5.17
N SER B 322 20.77 -21.53 -3.88
CA SER B 322 20.29 -20.38 -3.12
C SER B 322 18.78 -20.26 -3.24
N TYR B 323 18.31 -19.04 -3.50
CA TYR B 323 16.88 -18.79 -3.67
C TYR B 323 16.26 -19.50 -4.86
N VAL B 324 16.99 -19.49 -5.96
CA VAL B 324 16.55 -20.05 -7.23
C VAL B 324 16.90 -21.52 -7.45
N SER B 325 16.24 -22.12 -8.45
CA SER B 325 16.53 -23.49 -8.85
C SER B 325 16.72 -23.54 -10.36
N ILE B 326 17.48 -24.52 -10.83
CA ILE B 326 17.71 -24.70 -12.25
C ILE B 326 16.93 -25.93 -12.67
N VAL B 327 15.86 -25.74 -13.42
CA VAL B 327 15.06 -26.87 -13.88
C VAL B 327 15.51 -27.22 -15.28
N GLU B 328 16.21 -28.35 -15.42
CA GLU B 328 16.69 -28.78 -16.72
C GLU B 328 15.61 -29.57 -17.47
N MET B 329 15.16 -29.06 -18.61
CA MET B 329 14.15 -29.75 -19.39
C MET B 329 14.73 -30.26 -20.70
N THR B 330 14.17 -31.34 -21.20
CA THR B 330 14.62 -31.96 -22.44
C THR B 330 13.44 -32.45 -23.25
N ALA B 331 13.65 -32.55 -24.56
CA ALA B 331 12.61 -33.00 -25.48
C ALA B 331 12.14 -34.38 -25.07
N LEU B 332 10.84 -34.60 -25.17
CA LEU B 332 10.26 -35.89 -24.86
C LEU B 332 10.78 -36.88 -25.91
#